data_8WJX
#
_entry.id   8WJX
#
_cell.length_a   1.00
_cell.length_b   1.00
_cell.length_c   1.00
_cell.angle_alpha   90.00
_cell.angle_beta   90.00
_cell.angle_gamma   90.00
#
_symmetry.space_group_name_H-M   'P 1'
#
loop_
_entity.id
_entity.type
_entity.pdbx_description
1 polymer 'GNAS complex locus'
2 polymer 'Guanine nucleotide-binding protein G(I)/G(S)/G(T) subunit beta-1'
3 polymer 'Guanine nucleotide-binding protein G(I)/G(S)/G(O) subunit gamma-2'
4 polymer 'Nanobody 35'
5 polymer 'Soluble cytochrome b562,P2Y purinoceptor 1'
6 non-polymer "ADENOSINE-5'-DIPHOSPHATE"
7 non-polymer CHOLESTEROL
#
loop_
_entity_poly.entity_id
_entity_poly.type
_entity_poly.pdbx_seq_one_letter_code
_entity_poly.pdbx_strand_id
1 'polypeptide(L)'
;MGMGHHHHHHENLYFQGNSKTEDQRNEEKAQREANKKIEKQLQKDKQVYRATHRLLLLGADNSGKSTIVKQMRILHGGSG
GSGGTSGIFETKFQVDKVNFHMFDVGGQRDERRKWIQCFNDVTAIIFVVDSSDYNRLQEALNLFKSIWNNRWLRTISVIL
FLNKQDLLAEKVLAGKSKIEDYFPEFARYTTPEDATPEPGEDPRVTRAKYFIRDEFLRISTASGDGRHYCYPHFTCAVDT
ENARRIFNDCKDIILQMNLREYNLV
;
A
2 'polypeptide(L)'
;MHHHHHHGSLLQSELDQLRQEAEQLKNQIRDARKACADATLSQITNNIDPVGRIQMRTRRTLRGHLAKIYAMHWGTDSRL
LVSASQDGKLIIWDSYTTNKVHAIPLRSSWVMTCAYAPSGNYVACGGLDNICSIYNLKTREGNVRVSRELAGHTGYLSCC
RFLDDNQIVTSSGDTTCALWDIETGQQTTTFTGHTGDVMSLSLAPDTRLFVSGACDASAKLWDVREGMCRQTFTGHESDI
NAICFFPNGNAFATGSDDATCRLFDLRADQELMTYSHDNIICGITSVSFSKSGRLLLAGYDDFNCNVWDALKADRAGVLA
GHDNRVSCLGVTDDGMAVATGSWDSFLKIWNGSSGGGGSGGGGSSGVSGWRLFKKIS
;
B
3 'polypeptide(L)' MASNNTASIAQARKLVEQLKMEANIDRIKVSKAAADLMAYCEAHAKEDPLLTPVPASENPFREKKFFCAIL G
4 'polypeptide(L)'
;MKYLLPTAAAGLLLLAAQPAMAMQVQLQESGGGLVQPGGSLRLSCAASGFTFSNYKMNWVRQAPGKGLEWVSDISQSGAS
ISYTGSVKGRFTISRDNAKNTLYLQMNSLKPEDTAVYYCARCPAPFTRDCFDVTSTTYAYRGQGTQVTVSSHHHHHH
;
N
5 'polypeptide(L)'
;MKTIIALSYIFCLVFADYKDDDDAGRAHHHHHHHHHHENLYFQSGAPADLEDNWETLNDNLKVIEKADNAAQVKDALTKM
RAAALDAQKATPPKLEDKSPDSPEMKDFRHGFDILVGQIDDALKLANEGKVKEAQAAAEQLKTTRNAYIQKYLEFLEVLF
QGPTEVLWPAVPNGTDAAFLAGPGSSWGNSTVASTAAVSSSFKCALTKTGFQFYYLPAVYILVFIIGFLGNSVAIWMFVF
HMKPWSGISVYMFNLALADFLYVLTLPALIFYYFNKTDWIFGDAMCKLQRFIFHVNLYGSILFLTCISAHRYSGVVYPLK
SLGRLKKKNAICISVLVWLIVVVAISPILFYSGTGVRKNKTITCYDTTSDEYLRSYFIYSMCTTVAMFCVPLVLILGCYG
LIVRALIYKDLDNSPLRRKSIYLVIIVLTVFAVSYIPFHVMKTMNLRARLDFQTPAMCAFNDRVYATYQVTRGLASLNSC
VDPILYFLAGDTFRRRLSRATRKASRRSEANLQSKSEDMTLNVFTLEDFVGDWEQTAAYNLDQVLEQGGVSSLLQNLAVS
VTPIQRIVRSGENALKIDIHVIIPYEGLSADQMAQIEEVFKVVYPVDDHHFKVILPYGTLVIDGVTPNMLNYFGRPYEGI
AVFDGKKITVTGTLWNGNKIIDERLITPDGSMLFRVTINS
;
R
#
loop_
_chem_comp.id
_chem_comp.type
_chem_comp.name
_chem_comp.formula
ADP non-polymer ADENOSINE-5'-DIPHOSPHATE 'C10 H15 N5 O10 P2'
CLR non-polymer CHOLESTEROL 'C27 H46 O'
#
# COMPACT_ATOMS: atom_id res chain seq x y z
N THR A 21 -29.48 -12.94 -33.08
CA THR A 21 -28.94 -12.04 -32.07
C THR A 21 -28.07 -10.95 -32.71
N GLU A 22 -28.52 -10.45 -33.85
CA GLU A 22 -27.78 -9.39 -34.54
C GLU A 22 -27.76 -8.11 -33.70
N ASP A 23 -28.89 -7.76 -33.08
CA ASP A 23 -28.92 -6.59 -32.23
C ASP A 23 -28.01 -6.76 -31.00
N GLN A 24 -28.03 -7.96 -30.41
CA GLN A 24 -27.16 -8.23 -29.28
C GLN A 24 -25.69 -8.17 -29.68
N ARG A 25 -25.36 -8.71 -30.85
CA ARG A 25 -23.98 -8.65 -31.34
C ARG A 25 -23.55 -7.21 -31.58
N ASN A 26 -24.44 -6.39 -32.16
CA ASN A 26 -24.11 -4.98 -32.37
C ASN A 26 -23.92 -4.25 -31.06
N GLU A 27 -24.78 -4.54 -30.06
CA GLU A 27 -24.62 -3.91 -28.76
C GLU A 27 -23.31 -4.32 -28.10
N GLU A 28 -22.94 -5.60 -28.20
CA GLU A 28 -21.67 -6.05 -27.63
C GLU A 28 -20.49 -5.39 -28.35
N LYS A 29 -20.57 -5.26 -29.67
CA LYS A 29 -19.50 -4.60 -30.42
C LYS A 29 -19.36 -3.14 -30.02
N ALA A 30 -20.48 -2.43 -29.86
CA ALA A 30 -20.43 -1.05 -29.43
C ALA A 30 -19.86 -0.93 -28.02
N GLN A 31 -20.25 -1.86 -27.14
CA GLN A 31 -19.69 -1.89 -25.78
C GLN A 31 -18.18 -2.09 -25.82
N ARG A 32 -17.71 -3.02 -26.64
CA ARG A 32 -16.28 -3.27 -26.74
C ARG A 32 -15.54 -2.07 -27.31
N GLU A 33 -16.13 -1.41 -28.31
CA GLU A 33 -15.48 -0.22 -28.87
C GLU A 33 -15.39 0.91 -27.86
N ALA A 34 -16.47 1.14 -27.10
CA ALA A 34 -16.43 2.18 -26.07
C ALA A 34 -15.42 1.83 -24.99
N ASN A 35 -15.36 0.55 -24.60
CA ASN A 35 -14.36 0.12 -23.61
C ASN A 35 -12.94 0.31 -24.14
N LYS A 36 -12.73 0.05 -25.43
CA LYS A 36 -11.40 0.24 -26.01
C LYS A 36 -11.01 1.71 -26.03
N LYS A 37 -11.94 2.60 -26.39
CA LYS A 37 -11.64 4.02 -26.36
C LYS A 37 -11.35 4.49 -24.93
N ILE A 38 -12.15 4.02 -23.98
CA ILE A 38 -11.93 4.40 -22.58
C ILE A 38 -10.61 3.84 -22.08
N GLU A 39 -10.22 2.65 -22.53
CA GLU A 39 -8.95 2.07 -22.11
C GLU A 39 -7.76 2.81 -22.71
N LYS A 40 -7.89 3.28 -23.96
CA LYS A 40 -6.84 4.11 -24.53
C LYS A 40 -6.70 5.41 -23.76
N GLN A 41 -7.83 6.04 -23.43
CA GLN A 41 -7.79 7.24 -22.60
C GLN A 41 -7.16 6.95 -21.24
N LEU A 42 -7.46 5.78 -20.67
CA LEU A 42 -6.90 5.40 -19.38
C LEU A 42 -5.41 5.13 -19.47
N GLN A 43 -4.93 4.58 -20.59
CA GLN A 43 -3.49 4.41 -20.77
C GLN A 43 -2.78 5.75 -20.86
N LYS A 44 -3.36 6.70 -21.60
CA LYS A 44 -2.79 8.04 -21.63
C LYS A 44 -2.78 8.67 -20.25
N ASP A 45 -3.88 8.50 -19.51
CA ASP A 45 -3.97 9.04 -18.15
C ASP A 45 -2.97 8.37 -17.23
N LYS A 46 -2.71 7.07 -17.43
CA LYS A 46 -1.73 6.37 -16.61
C LYS A 46 -0.32 6.89 -16.88
N GLN A 47 0.00 7.14 -18.16
CA GLN A 47 1.29 7.74 -18.47
C GLN A 47 1.44 9.09 -17.79
N VAL A 48 0.41 9.93 -17.88
CA VAL A 48 0.50 11.26 -17.28
C VAL A 48 0.55 11.17 -15.77
N TYR A 49 -0.21 10.24 -15.18
CA TYR A 49 -0.32 10.14 -13.73
C TYR A 49 0.96 9.60 -13.11
N ARG A 50 1.59 8.60 -13.75
CA ARG A 50 2.89 8.14 -13.27
C ARG A 50 3.98 9.17 -13.54
N ALA A 51 3.86 9.94 -14.61
CA ALA A 51 4.84 10.99 -14.89
C ALA A 51 4.80 12.11 -13.86
N THR A 52 3.65 12.33 -13.22
CA THR A 52 3.52 13.39 -12.22
C THR A 52 3.64 12.81 -10.82
N HIS A 53 4.14 13.62 -9.90
CA HIS A 53 4.44 13.19 -8.54
C HIS A 53 3.60 13.97 -7.54
N ARG A 54 3.01 13.25 -6.61
CA ARG A 54 2.16 13.83 -5.57
C ARG A 54 2.98 14.04 -4.31
N LEU A 55 2.89 15.25 -3.75
CA LEU A 55 3.66 15.65 -2.57
C LEU A 55 2.68 16.19 -1.54
N LEU A 56 2.40 15.41 -0.50
CA LEU A 56 1.50 15.86 0.56
C LEU A 56 2.23 16.86 1.42
N LEU A 57 1.83 18.13 1.36
CA LEU A 57 2.49 19.18 2.13
C LEU A 57 1.83 19.27 3.50
N LEU A 58 2.50 18.71 4.50
CA LEU A 58 1.99 18.66 5.87
C LEU A 58 2.79 19.60 6.76
N GLY A 59 2.32 19.76 7.97
CA GLY A 59 3.01 20.57 8.96
C GLY A 59 2.04 21.21 9.93
N ALA A 60 2.60 21.79 10.97
CA ALA A 60 1.79 22.49 11.96
C ALA A 60 1.13 23.71 11.34
N ASP A 61 -0.08 24.02 11.81
CA ASP A 61 -0.85 25.13 11.26
C ASP A 61 -0.28 26.49 11.62
N ASN A 62 0.72 26.55 12.51
CA ASN A 62 1.25 27.83 12.95
C ASN A 62 1.86 28.61 11.79
N SER A 63 2.77 27.99 11.05
CA SER A 63 3.45 28.69 9.96
C SER A 63 4.19 27.68 9.10
N GLY A 64 4.48 28.10 7.86
CA GLY A 64 5.33 27.33 6.97
C GLY A 64 4.68 26.83 5.70
N LYS A 65 3.41 26.43 5.76
CA LYS A 65 2.80 25.68 4.67
C LYS A 65 2.35 26.59 3.53
N SER A 66 1.43 27.51 3.83
CA SER A 66 0.82 28.33 2.77
C SER A 66 1.85 29.21 2.09
N THR A 67 2.80 29.75 2.85
CA THR A 67 3.85 30.58 2.25
C THR A 67 4.69 29.77 1.28
N ILE A 68 5.02 28.53 1.64
CA ILE A 68 5.79 27.67 0.75
C ILE A 68 5.00 27.36 -0.52
N VAL A 69 3.71 27.05 -0.37
CA VAL A 69 2.89 26.76 -1.55
C VAL A 69 2.81 27.96 -2.46
N LYS A 70 2.62 29.16 -1.89
CA LYS A 70 2.55 30.37 -2.70
C LYS A 70 3.88 30.65 -3.38
N GLN A 71 5.00 30.43 -2.68
CA GLN A 71 6.31 30.63 -3.29
C GLN A 71 6.54 29.66 -4.45
N MET A 72 6.09 28.41 -4.29
CA MET A 72 6.19 27.46 -5.39
C MET A 72 5.29 27.84 -6.55
N ARG A 73 4.15 28.48 -6.27
CA ARG A 73 3.29 28.98 -7.33
C ARG A 73 3.99 30.10 -8.11
N ILE A 74 4.76 30.94 -7.42
CA ILE A 74 5.47 32.04 -8.08
C ILE A 74 6.64 31.57 -8.92
N LEU A 75 7.01 30.29 -8.83
CA LEU A 75 8.10 29.74 -9.64
C LEU A 75 7.69 29.66 -11.11
N SER A 82 -2.55 24.38 -10.53
CA SER A 82 -2.07 25.39 -9.60
C SER A 82 -3.20 26.29 -9.12
N GLY A 83 -4.14 25.71 -8.38
CA GLY A 83 -5.26 26.46 -7.86
C GLY A 83 -6.08 25.73 -6.82
N GLY A 84 -6.39 26.41 -5.72
CA GLY A 84 -7.23 25.84 -4.67
C GLY A 84 -8.48 26.67 -4.49
N THR A 85 -9.62 25.99 -4.39
CA THR A 85 -10.91 26.66 -4.29
C THR A 85 -11.64 26.34 -2.99
N SER A 86 -11.79 25.06 -2.65
CA SER A 86 -12.59 24.65 -1.51
C SER A 86 -11.76 24.39 -0.25
N GLY A 87 -10.46 24.69 -0.28
CA GLY A 87 -9.64 24.53 0.89
C GLY A 87 -8.30 23.88 0.63
N ILE A 88 -8.24 22.97 -0.33
CA ILE A 88 -7.00 22.29 -0.69
C ILE A 88 -6.23 23.21 -1.63
N PHE A 89 -5.14 23.79 -1.14
CA PHE A 89 -4.30 24.65 -1.98
C PHE A 89 -3.35 23.75 -2.76
N GLU A 90 -3.65 23.55 -4.04
CA GLU A 90 -2.86 22.69 -4.90
C GLU A 90 -1.92 23.52 -5.75
N THR A 91 -0.82 22.88 -6.17
CA THR A 91 0.18 23.52 -7.02
C THR A 91 0.76 22.46 -7.93
N LYS A 92 0.86 22.78 -9.22
CA LYS A 92 1.30 21.82 -10.22
C LYS A 92 2.58 22.30 -10.88
N PHE A 93 3.52 22.78 -10.07
CA PHE A 93 4.78 23.28 -10.59
C PHE A 93 5.59 22.15 -11.23
N GLN A 94 6.52 22.54 -12.10
CA GLN A 94 7.37 21.60 -12.82
C GLN A 94 8.82 22.05 -12.68
N VAL A 95 9.69 21.10 -12.33
CA VAL A 95 11.13 21.34 -12.24
C VAL A 95 11.80 20.50 -13.33
N ASP A 96 12.66 21.15 -14.13
CA ASP A 96 13.24 20.53 -15.31
C ASP A 96 12.14 20.06 -16.25
N LYS A 97 11.94 18.74 -16.35
CA LYS A 97 10.89 18.17 -17.18
C LYS A 97 9.94 17.28 -16.40
N VAL A 98 10.01 17.28 -15.07
CA VAL A 98 9.20 16.42 -14.23
C VAL A 98 8.13 17.28 -13.55
N ASN A 99 6.88 16.85 -13.64
CA ASN A 99 5.76 17.58 -13.06
C ASN A 99 5.52 17.10 -11.64
N PHE A 100 5.37 18.06 -10.71
CA PHE A 100 5.09 17.76 -9.32
C PHE A 100 3.73 18.32 -8.93
N HIS A 101 3.05 17.61 -8.04
CA HIS A 101 1.75 18.02 -7.51
C HIS A 101 1.88 18.15 -6.00
N MET A 102 1.93 19.37 -5.51
CA MET A 102 2.02 19.56 -4.07
C MET A 102 0.68 20.08 -3.60
N PHE A 103 0.15 19.44 -2.55
CA PHE A 103 -1.17 19.82 -2.08
C PHE A 103 -1.18 20.14 -0.62
N ASP A 104 -1.74 21.28 -0.28
CA ASP A 104 -1.81 21.69 1.10
C ASP A 104 -3.23 21.55 1.50
N VAL A 105 -3.56 20.48 2.21
CA VAL A 105 -4.96 20.24 2.53
C VAL A 105 -5.27 21.02 3.80
N GLY A 106 -5.92 22.17 3.65
CA GLY A 106 -6.16 23.05 4.78
C GLY A 106 -7.62 23.25 5.12
N GLY A 107 -8.51 22.81 4.25
CA GLY A 107 -9.93 22.97 4.49
C GLY A 107 -10.55 21.80 5.24
N GLN A 108 -9.87 21.33 6.28
CA GLN A 108 -10.34 20.20 7.07
C GLN A 108 -10.32 20.59 8.55
N ARG A 109 -11.30 20.08 9.29
CA ARG A 109 -11.60 20.62 10.60
C ARG A 109 -10.49 20.45 11.63
N ASP A 110 -10.29 19.22 12.14
CA ASP A 110 -9.26 19.02 13.16
C ASP A 110 -8.51 17.69 13.07
N GLU A 111 -9.08 16.64 12.49
CA GLU A 111 -8.63 15.28 12.77
C GLU A 111 -7.91 14.71 11.54
N ARG A 112 -6.60 14.88 11.51
CA ARG A 112 -5.75 14.43 10.41
C ARG A 112 -5.77 12.92 10.23
N ARG A 113 -6.25 12.18 11.23
CA ARG A 113 -6.14 10.72 11.23
C ARG A 113 -6.83 10.10 10.03
N LYS A 114 -8.03 10.58 9.70
CA LYS A 114 -8.85 9.92 8.68
C LYS A 114 -8.52 10.36 7.27
N TRP A 115 -8.20 11.64 7.05
CA TRP A 115 -7.88 12.06 5.69
C TRP A 115 -6.41 11.82 5.38
N ILE A 116 -5.60 11.49 6.39
CA ILE A 116 -4.21 11.13 6.15
C ILE A 116 -4.13 9.78 5.43
N GLN A 117 -5.12 8.92 5.61
CA GLN A 117 -5.07 7.60 5.02
C GLN A 117 -5.00 7.70 3.54
N CYS A 118 -5.69 8.69 3.01
CA CYS A 118 -5.75 8.84 1.57
C CYS A 118 -4.35 9.11 1.03
N PHE A 119 -3.54 9.87 1.72
CA PHE A 119 -2.25 10.16 1.13
C PHE A 119 -1.24 9.03 1.28
N ASN A 120 -1.65 7.79 1.04
CA ASN A 120 -0.67 6.72 1.08
C ASN A 120 -0.10 6.38 -0.31
N ASP A 121 -0.60 7.02 -1.36
CA ASP A 121 -0.06 6.83 -2.69
C ASP A 121 0.84 7.99 -3.13
N VAL A 122 1.07 8.97 -2.26
CA VAL A 122 1.89 10.12 -2.64
C VAL A 122 3.35 9.71 -2.67
N THR A 123 4.14 10.44 -3.46
CA THR A 123 5.57 10.19 -3.52
C THR A 123 6.25 10.50 -2.19
N ALA A 124 5.89 11.62 -1.57
CA ALA A 124 6.52 12.03 -0.32
C ALA A 124 5.61 12.98 0.42
N ILE A 125 5.91 13.17 1.70
CA ILE A 125 5.22 14.13 2.55
C ILE A 125 6.21 15.24 2.89
N ILE A 126 6.00 16.42 2.33
CA ILE A 126 6.85 17.57 2.63
C ILE A 126 6.38 18.12 3.97
N PHE A 127 7.14 17.86 5.03
CA PHE A 127 6.75 18.22 6.38
C PHE A 127 7.43 19.54 6.73
N VAL A 128 6.65 20.61 6.75
CA VAL A 128 7.17 21.93 7.09
C VAL A 128 7.05 22.14 8.59
N VAL A 129 8.17 22.38 9.25
CA VAL A 129 8.23 22.52 10.70
C VAL A 129 8.70 23.93 11.02
N ASP A 130 7.91 24.66 11.79
CA ASP A 130 8.29 26.00 12.23
C ASP A 130 9.29 25.84 13.37
N SER A 131 10.56 25.68 13.02
CA SER A 131 11.60 25.45 14.02
C SER A 131 11.92 26.68 14.84
N SER A 132 11.43 27.86 14.46
CA SER A 132 11.69 29.05 15.26
C SER A 132 10.84 29.08 16.52
N ASP A 133 9.68 28.43 16.51
CA ASP A 133 8.78 28.40 17.65
C ASP A 133 9.01 27.11 18.42
N TYR A 134 9.72 27.22 19.55
CA TYR A 134 10.00 26.04 20.36
C TYR A 134 8.78 25.56 21.14
N ASN A 135 7.81 26.43 21.41
CA ASN A 135 6.65 26.03 22.17
C ASN A 135 5.84 24.98 21.43
N ARG A 136 5.68 25.15 20.12
CA ARG A 136 4.94 24.20 19.29
C ARG A 136 5.83 23.15 18.66
N LEU A 137 7.12 23.15 18.97
CA LEU A 137 8.04 22.17 18.39
C LEU A 137 7.69 20.75 18.81
N GLN A 138 7.27 20.58 20.06
CA GLN A 138 6.89 19.25 20.53
C GLN A 138 5.66 18.73 19.80
N GLU A 139 4.69 19.60 19.51
CA GLU A 139 3.54 19.19 18.74
C GLU A 139 3.93 18.76 17.33
N ALA A 140 4.85 19.49 16.71
CA ALA A 140 5.36 19.10 15.39
C ALA A 140 6.08 17.76 15.46
N LEU A 141 6.85 17.54 16.53
CA LEU A 141 7.55 16.26 16.67
C LEU A 141 6.57 15.11 16.84
N ASN A 142 5.51 15.32 17.62
CA ASN A 142 4.50 14.28 17.80
C ASN A 142 3.77 13.99 16.48
N LEU A 143 3.46 15.04 15.72
CA LEU A 143 2.82 14.84 14.43
C LEU A 143 3.75 14.09 13.48
N PHE A 144 5.04 14.42 13.50
CA PHE A 144 6.00 13.70 12.67
C PHE A 144 6.09 12.24 13.08
N LYS A 145 6.07 11.96 14.39
CA LYS A 145 6.11 10.58 14.86
C LYS A 145 4.87 9.81 14.41
N SER A 146 3.70 10.45 14.49
CA SER A 146 2.47 9.81 14.04
C SER A 146 2.50 9.54 12.54
N ILE A 147 3.02 10.50 11.76
CA ILE A 147 3.14 10.31 10.31
C ILE A 147 4.10 9.17 10.01
N TRP A 148 5.24 9.13 10.70
CA TRP A 148 6.24 8.10 10.46
C TRP A 148 5.71 6.71 10.81
N ASN A 149 5.04 6.59 11.95
CA ASN A 149 4.59 5.30 12.45
C ASN A 149 3.19 4.92 12.01
N ASN A 150 2.55 5.74 11.18
CA ASN A 150 1.23 5.39 10.66
C ASN A 150 1.33 4.16 9.77
N ARG A 151 0.30 3.32 9.84
CA ARG A 151 0.33 2.05 9.11
C ARG A 151 0.42 2.26 7.61
N TRP A 152 -0.29 3.26 7.10
CA TRP A 152 -0.36 3.51 5.66
C TRP A 152 0.72 4.46 5.16
N LEU A 153 1.46 5.09 6.06
CA LEU A 153 2.56 5.97 5.68
C LEU A 153 3.92 5.35 5.98
N ARG A 154 3.96 4.02 6.17
CA ARG A 154 5.23 3.34 6.40
C ARG A 154 6.16 3.45 5.20
N THR A 155 5.61 3.32 4.00
CA THR A 155 6.41 3.34 2.78
C THR A 155 6.56 4.73 2.19
N ILE A 156 5.95 5.74 2.78
CA ILE A 156 5.96 7.11 2.24
C ILE A 156 7.04 7.90 2.94
N SER A 157 8.05 8.31 2.19
CA SER A 157 9.14 9.10 2.76
C SER A 157 8.67 10.51 3.08
N VAL A 158 9.38 11.14 4.00
CA VAL A 158 9.08 12.49 4.46
C VAL A 158 10.26 13.38 4.13
N ILE A 159 9.97 14.52 3.52
CA ILE A 159 10.97 15.55 3.27
C ILE A 159 10.85 16.58 4.37
N LEU A 160 11.74 16.53 5.35
CA LEU A 160 11.73 17.50 6.44
C LEU A 160 12.16 18.85 5.91
N PHE A 161 11.40 19.89 6.23
CA PHE A 161 11.57 21.18 5.59
C PHE A 161 11.55 22.29 6.63
N LEU A 162 12.37 22.14 7.66
CA LEU A 162 12.45 23.09 8.77
C LEU A 162 12.55 24.52 8.25
N ASN A 163 11.54 25.33 8.53
CA ASN A 163 11.35 26.64 7.94
C ASN A 163 11.68 27.74 8.94
N LYS A 164 11.63 28.98 8.46
CA LYS A 164 11.90 30.16 9.27
C LYS A 164 13.25 30.05 9.97
N GLN A 165 14.26 29.60 9.23
CA GLN A 165 15.61 29.51 9.78
C GLN A 165 16.15 30.89 10.16
N ASP A 166 15.76 31.92 9.40
CA ASP A 166 16.15 33.28 9.78
C ASP A 166 15.55 33.67 11.12
N LEU A 167 14.27 33.34 11.33
CA LEU A 167 13.63 33.64 12.61
C LEU A 167 14.28 32.86 13.75
N LEU A 168 14.61 31.59 13.50
CA LEU A 168 15.29 30.79 14.53
C LEU A 168 16.65 31.38 14.86
N ALA A 169 17.40 31.80 13.84
CA ALA A 169 18.70 32.41 14.08
C ALA A 169 18.57 33.71 14.87
N GLU A 170 17.58 34.54 14.51
CA GLU A 170 17.37 35.78 15.24
C GLU A 170 17.00 35.52 16.69
N LYS A 171 16.12 34.54 16.94
CA LYS A 171 15.74 34.21 18.30
C LYS A 171 16.93 33.69 19.10
N VAL A 172 17.76 32.84 18.48
CA VAL A 172 18.93 32.29 19.19
C VAL A 172 19.93 33.41 19.51
N LEU A 173 20.19 34.28 18.54
CA LEU A 173 21.12 35.38 18.78
C LEU A 173 20.60 36.32 19.87
N ALA A 174 19.30 36.63 19.83
CA ALA A 174 18.71 37.46 20.88
C ALA A 174 18.75 36.74 22.23
N GLY A 175 18.50 35.44 22.23
CA GLY A 175 18.52 34.67 23.46
C GLY A 175 17.44 35.04 24.45
N LYS A 176 16.26 35.46 23.96
CA LYS A 176 15.16 35.75 24.87
C LYS A 176 14.62 34.48 25.51
N SER A 177 14.51 33.40 24.74
CA SER A 177 14.03 32.12 25.22
C SER A 177 15.06 31.04 24.92
N LYS A 178 15.27 30.15 25.88
CA LYS A 178 16.27 29.09 25.76
C LYS A 178 15.59 27.77 25.46
N ILE A 179 16.14 27.03 24.49
CA ILE A 179 15.58 25.72 24.16
C ILE A 179 15.72 24.73 25.30
N GLU A 180 16.65 24.99 26.23
CA GLU A 180 16.80 24.10 27.38
C GLU A 180 15.54 24.08 28.23
N ASP A 181 14.80 25.20 28.27
CA ASP A 181 13.54 25.22 29.01
C ASP A 181 12.52 24.28 28.40
N TYR A 182 12.44 24.23 27.07
CA TYR A 182 11.51 23.34 26.38
C TYR A 182 12.09 21.97 26.13
N PHE A 183 13.40 21.87 25.90
CA PHE A 183 14.06 20.59 25.66
C PHE A 183 15.29 20.51 26.56
N PRO A 184 15.18 19.86 27.73
CA PRO A 184 16.34 19.79 28.63
C PRO A 184 17.54 19.08 28.04
N GLU A 185 17.31 18.16 27.09
CA GLU A 185 18.42 17.42 26.49
C GLU A 185 19.27 18.29 25.56
N PHE A 186 18.84 19.51 25.26
CA PHE A 186 19.65 20.39 24.44
C PHE A 186 20.91 20.85 25.15
N ALA A 187 20.86 20.92 26.49
CA ALA A 187 22.03 21.35 27.24
C ALA A 187 23.20 20.38 27.05
N ARG A 188 22.92 19.08 27.05
CA ARG A 188 23.94 18.07 26.84
C ARG A 188 24.24 17.80 25.37
N TYR A 189 23.51 18.44 24.46
CA TYR A 189 23.72 18.21 23.03
C TYR A 189 24.92 19.00 22.54
N THR A 190 25.69 18.39 21.64
CA THR A 190 26.84 19.02 21.01
C THR A 190 26.69 18.89 19.50
N THR A 191 27.25 19.86 18.78
CA THR A 191 27.14 19.87 17.33
C THR A 191 27.82 18.64 16.74
N PRO A 192 27.14 17.89 15.87
CA PRO A 192 27.77 16.71 15.27
C PRO A 192 28.94 17.10 14.38
N GLU A 193 29.92 16.17 14.29
CA GLU A 193 31.10 16.42 13.48
C GLU A 193 30.80 16.47 11.99
N ASP A 194 29.65 15.94 11.57
CA ASP A 194 29.25 15.93 10.17
C ASP A 194 28.48 17.17 9.77
N ALA A 195 28.34 18.14 10.66
CA ALA A 195 27.57 19.35 10.36
C ALA A 195 28.24 20.15 9.25
N THR A 196 27.40 20.85 8.47
CA THR A 196 27.83 21.67 7.35
C THR A 196 27.29 23.08 7.56
N PRO A 197 28.00 23.90 8.34
CA PRO A 197 27.49 25.24 8.64
C PRO A 197 27.36 26.10 7.39
N GLU A 198 26.34 26.94 7.40
CA GLU A 198 26.07 27.89 6.32
C GLU A 198 27.03 29.07 6.43
N PRO A 199 26.99 30.02 5.50
CA PRO A 199 27.72 31.28 5.70
C PRO A 199 27.31 31.96 7.00
N GLY A 200 28.32 32.45 7.72
CA GLY A 200 28.11 33.06 9.02
C GLY A 200 27.98 32.02 10.11
N GLU A 201 26.79 31.41 10.21
CA GLU A 201 26.54 30.22 11.03
C GLU A 201 27.15 30.35 12.43
N ASP A 202 26.60 31.27 13.20
CA ASP A 202 27.02 31.42 14.58
C ASP A 202 26.85 30.08 15.30
N PRO A 203 27.81 29.68 16.14
CA PRO A 203 27.78 28.32 16.71
C PRO A 203 26.50 28.00 17.46
N ARG A 204 25.92 28.98 18.16
CA ARG A 204 24.66 28.75 18.85
C ARG A 204 23.54 28.43 17.86
N VAL A 205 23.48 29.19 16.77
CA VAL A 205 22.42 28.98 15.77
C VAL A 205 22.57 27.61 15.12
N THR A 206 23.80 27.25 14.74
CA THR A 206 24.04 25.95 14.12
C THR A 206 23.72 24.82 15.09
N ARG A 207 24.10 24.98 16.36
CA ARG A 207 23.82 23.96 17.35
C ARG A 207 22.31 23.77 17.53
N ALA A 208 21.57 24.88 17.62
CA ALA A 208 20.12 24.77 17.78
C ALA A 208 19.46 24.13 16.57
N LYS A 209 19.84 24.56 15.37
CA LYS A 209 19.23 24.03 14.15
C LYS A 209 19.52 22.55 14.00
N TYR A 210 20.76 22.13 14.26
CA TYR A 210 21.09 20.71 14.13
C TYR A 210 20.52 19.90 15.28
N PHE A 211 20.28 20.53 16.44
CA PHE A 211 19.58 19.82 17.51
C PHE A 211 18.15 19.51 17.11
N ILE A 212 17.46 20.47 16.50
CA ILE A 212 16.10 20.21 16.04
C ILE A 212 16.11 19.15 14.93
N ARG A 213 17.06 19.25 14.01
CA ARG A 213 17.17 18.26 12.95
C ARG A 213 17.41 16.86 13.53
N ASP A 214 18.27 16.75 14.54
CA ASP A 214 18.54 15.45 15.14
C ASP A 214 17.36 14.95 15.95
N GLU A 215 16.60 15.86 16.57
CA GLU A 215 15.39 15.46 17.28
C GLU A 215 14.38 14.84 16.33
N PHE A 216 14.24 15.40 15.13
CA PHE A 216 13.34 14.80 14.15
C PHE A 216 13.92 13.52 13.56
N LEU A 217 15.23 13.49 13.31
CA LEU A 217 15.85 12.31 12.72
C LEU A 217 15.91 11.15 13.69
N ARG A 218 15.88 11.40 15.00
CA ARG A 218 15.76 10.30 15.95
C ARG A 218 14.45 9.56 15.77
N ILE A 219 13.34 10.29 15.61
CA ILE A 219 12.06 9.67 15.29
C ILE A 219 12.13 9.00 13.93
N SER A 220 12.81 9.63 12.97
CA SER A 220 12.92 9.06 11.63
C SER A 220 13.63 7.71 11.65
N THR A 221 14.71 7.60 12.41
CA THR A 221 15.52 6.38 12.45
C THR A 221 15.02 5.37 13.47
N ALA A 222 14.12 5.76 14.38
CA ALA A 222 13.61 4.81 15.36
C ALA A 222 12.79 3.69 14.73
N SER A 223 12.27 3.90 13.52
CA SER A 223 11.49 2.88 12.85
C SER A 223 11.53 3.14 11.34
N GLY A 224 11.18 2.11 10.57
CA GLY A 224 11.15 2.22 9.13
C GLY A 224 11.87 1.09 8.43
N ASP A 225 12.93 0.58 9.05
CA ASP A 225 13.77 -0.52 8.53
C ASP A 225 14.03 -0.41 7.04
N GLY A 226 14.31 0.80 6.55
CA GLY A 226 14.66 1.01 5.16
C GLY A 226 13.49 1.21 4.22
N ARG A 227 12.25 1.13 4.71
CA ARG A 227 11.11 1.39 3.84
C ARG A 227 11.08 2.83 3.36
N HIS A 228 11.43 3.77 4.24
CA HIS A 228 11.39 5.19 3.91
C HIS A 228 12.43 5.92 4.73
N TYR A 229 12.79 7.12 4.26
CA TYR A 229 13.80 7.93 4.91
C TYR A 229 13.33 9.37 4.97
N CYS A 230 13.77 10.09 5.99
CA CYS A 230 13.45 11.50 6.17
C CYS A 230 14.60 12.34 5.63
N TYR A 231 14.27 13.37 4.86
CA TYR A 231 15.29 14.23 4.26
C TYR A 231 15.30 15.58 4.93
N PRO A 232 16.25 15.85 5.83
CA PRO A 232 16.19 17.05 6.67
C PRO A 232 16.77 18.30 6.04
N HIS A 233 15.96 19.05 5.28
CA HIS A 233 16.39 20.28 4.64
C HIS A 233 15.97 21.47 5.48
N PHE A 234 16.91 22.41 5.68
CA PHE A 234 16.58 23.68 6.31
C PHE A 234 16.29 24.72 5.24
N THR A 235 15.19 25.45 5.40
CA THR A 235 14.80 26.45 4.42
C THR A 235 14.25 27.67 5.15
N CYS A 236 14.04 28.74 4.37
CA CYS A 236 13.41 29.95 4.86
C CYS A 236 12.21 30.26 3.97
N ALA A 237 11.47 31.31 4.35
CA ALA A 237 10.27 31.67 3.61
C ALA A 237 10.61 32.13 2.20
N VAL A 238 11.68 32.91 2.05
CA VAL A 238 12.04 33.49 0.75
C VAL A 238 13.08 32.65 0.02
N ASP A 239 13.31 31.41 0.44
CA ASP A 239 14.29 30.57 -0.22
C ASP A 239 13.78 30.11 -1.57
N THR A 240 14.59 30.32 -2.61
CA THR A 240 14.24 29.94 -3.97
C THR A 240 14.77 28.58 -4.37
N GLU A 241 15.50 27.90 -3.48
CA GLU A 241 16.06 26.58 -3.76
C GLU A 241 15.17 25.45 -3.31
N ASN A 242 13.95 25.76 -2.85
CA ASN A 242 13.04 24.73 -2.36
C ASN A 242 12.67 23.74 -3.46
N ALA A 243 12.46 24.23 -4.68
CA ALA A 243 12.11 23.35 -5.80
C ALA A 243 13.20 22.34 -6.06
N ARG A 244 14.46 22.78 -6.06
CA ARG A 244 15.57 21.87 -6.28
C ARG A 244 15.68 20.86 -5.14
N ARG A 245 15.44 21.29 -3.91
CA ARG A 245 15.48 20.38 -2.77
C ARG A 245 14.44 19.28 -2.91
N ILE A 246 13.21 19.66 -3.25
CA ILE A 246 12.15 18.68 -3.42
C ILE A 246 12.44 17.76 -4.60
N PHE A 247 13.01 18.33 -5.68
CA PHE A 247 13.35 17.53 -6.85
C PHE A 247 14.39 16.47 -6.50
N ASN A 248 15.45 16.86 -5.80
CA ASN A 248 16.49 15.90 -5.42
C ASN A 248 15.95 14.86 -4.44
N ASP A 249 15.12 15.29 -3.49
CA ASP A 249 14.54 14.34 -2.54
C ASP A 249 13.66 13.33 -3.25
N CYS A 250 12.86 13.78 -4.22
CA CYS A 250 12.03 12.86 -4.98
C CYS A 250 12.88 11.93 -5.84
N LYS A 251 13.97 12.45 -6.40
CA LYS A 251 14.90 11.61 -7.15
C LYS A 251 15.42 10.48 -6.27
N ASP A 252 15.85 10.81 -5.04
CA ASP A 252 16.36 9.79 -4.13
C ASP A 252 15.27 8.82 -3.71
N ILE A 253 14.05 9.34 -3.46
CA ILE A 253 12.94 8.49 -3.04
C ILE A 253 12.63 7.46 -4.10
N ILE A 254 12.54 7.90 -5.36
CA ILE A 254 12.20 6.96 -6.42
C ILE A 254 13.39 6.10 -6.80
N LEU A 255 14.61 6.57 -6.60
CA LEU A 255 15.78 5.71 -6.78
C LEU A 255 15.74 4.55 -5.80
N GLN A 256 15.41 4.83 -4.53
CA GLN A 256 15.31 3.76 -3.55
C GLN A 256 14.08 2.88 -3.81
N MET A 257 13.00 3.45 -4.30
CA MET A 257 11.84 2.65 -4.68
C MET A 257 12.19 1.69 -5.81
N ASN A 258 12.96 2.14 -6.79
CA ASN A 258 13.42 1.28 -7.86
C ASN A 258 14.39 0.22 -7.35
N LEU A 259 15.31 0.61 -6.46
CA LEU A 259 16.25 -0.36 -5.90
C LEU A 259 15.53 -1.47 -5.16
N ARG A 260 14.50 -1.12 -4.40
CA ARG A 260 13.66 -2.15 -3.79
C ARG A 260 12.93 -2.96 -4.85
N GLU A 261 12.40 -2.28 -5.87
CA GLU A 261 11.67 -2.96 -6.94
C GLU A 261 12.59 -3.87 -7.76
N TYR A 262 13.79 -3.39 -8.07
CA TYR A 262 14.74 -4.16 -8.86
C TYR A 262 15.49 -5.20 -8.04
N ASN A 263 15.14 -5.36 -6.77
CA ASN A 263 15.76 -6.33 -5.87
C ASN A 263 17.26 -6.04 -5.70
N LEU A 264 17.65 -4.79 -5.85
CA LEU A 264 19.01 -4.36 -5.52
C LEU A 264 19.09 -3.86 -4.08
N VAL A 265 18.60 -4.69 -3.15
CA VAL A 265 18.51 -4.36 -1.73
C VAL A 265 17.66 -3.10 -1.50
N GLU B 23 -25.98 12.76 33.49
CA GLU B 23 -25.58 11.37 33.61
C GLU B 23 -26.75 10.48 33.97
N GLN B 24 -27.82 11.10 34.48
CA GLN B 24 -29.02 10.35 34.83
C GLN B 24 -29.65 9.71 33.60
N LEU B 25 -29.72 10.46 32.49
CA LEU B 25 -30.30 9.92 31.26
C LEU B 25 -29.46 8.76 30.73
N LYS B 26 -28.13 8.90 30.76
CA LYS B 26 -27.26 7.82 30.30
C LYS B 26 -27.41 6.58 31.18
N ASN B 27 -27.49 6.78 32.50
CA ASN B 27 -27.67 5.65 33.40
C ASN B 27 -29.01 4.96 33.16
N GLN B 28 -30.06 5.74 32.94
CA GLN B 28 -31.38 5.16 32.66
C GLN B 28 -31.36 4.37 31.35
N ILE B 29 -30.70 4.92 30.32
CA ILE B 29 -30.61 4.22 29.04
C ILE B 29 -29.84 2.92 29.20
N ARG B 30 -28.73 2.95 29.93
CA ARG B 30 -27.95 1.75 30.15
C ARG B 30 -28.76 0.70 30.93
N ASP B 31 -29.51 1.13 31.94
CA ASP B 31 -30.34 0.20 32.70
C ASP B 31 -31.42 -0.41 31.82
N ALA B 32 -32.06 0.41 30.97
CA ALA B 32 -33.07 -0.13 30.06
C ALA B 32 -32.47 -1.13 29.08
N ARG B 33 -31.29 -0.82 28.54
CA ARG B 33 -30.63 -1.74 27.62
C ARG B 33 -30.27 -3.05 28.31
N LYS B 34 -29.78 -2.97 29.55
CA LYS B 34 -29.46 -4.18 30.30
C LYS B 34 -30.72 -5.00 30.58
N ALA B 35 -31.82 -4.34 30.94
CA ALA B 35 -33.06 -5.05 31.19
C ALA B 35 -33.57 -5.74 29.92
N CYS B 36 -33.51 -5.05 28.79
CA CYS B 36 -33.93 -5.65 27.54
C CYS B 36 -32.98 -6.75 27.07
N ALA B 37 -31.75 -6.78 27.58
CA ALA B 37 -30.77 -7.80 27.22
C ALA B 37 -31.07 -9.09 27.98
N ASP B 38 -32.19 -9.70 27.62
CA ASP B 38 -32.66 -10.91 28.30
C ASP B 38 -31.97 -12.18 27.79
N ALA B 39 -31.29 -12.12 26.65
CA ALA B 39 -30.64 -13.29 26.09
C ALA B 39 -29.53 -12.83 25.15
N THR B 40 -28.86 -13.80 24.54
CA THR B 40 -27.81 -13.54 23.56
C THR B 40 -28.22 -14.08 22.21
N LEU B 41 -27.88 -13.34 21.15
CA LEU B 41 -28.26 -13.75 19.80
C LEU B 41 -27.62 -15.08 19.42
N SER B 42 -26.36 -15.28 19.82
CA SER B 42 -25.68 -16.54 19.50
C SER B 42 -26.36 -17.72 20.17
N GLN B 43 -26.75 -17.58 21.44
CA GLN B 43 -27.44 -18.67 22.14
C GLN B 43 -28.78 -18.98 21.50
N ILE B 44 -29.53 -17.94 21.13
CA ILE B 44 -30.83 -18.15 20.50
C ILE B 44 -30.67 -18.83 19.14
N THR B 45 -29.68 -18.40 18.35
CA THR B 45 -29.48 -18.92 17.02
C THR B 45 -28.65 -20.20 17.00
N ASN B 46 -28.22 -20.71 18.16
CA ASN B 46 -27.47 -21.95 18.20
C ASN B 46 -28.28 -23.12 17.65
N ASN B 47 -29.60 -23.07 17.77
CA ASN B 47 -30.45 -24.10 17.17
C ASN B 47 -30.36 -24.06 15.66
N ILE B 48 -30.30 -22.86 15.08
CA ILE B 48 -30.21 -22.73 13.63
C ILE B 48 -28.87 -23.28 13.15
N ASP B 49 -28.92 -24.10 12.10
CA ASP B 49 -27.70 -24.71 11.58
C ASP B 49 -26.77 -23.64 11.01
N PRO B 50 -25.47 -23.74 11.27
CA PRO B 50 -24.53 -22.76 10.72
C PRO B 50 -24.38 -22.92 9.21
N VAL B 51 -23.97 -21.82 8.58
CA VAL B 51 -23.81 -21.81 7.12
C VAL B 51 -22.62 -22.63 6.65
N GLY B 52 -21.74 -23.06 7.56
CA GLY B 52 -20.60 -23.88 7.19
C GLY B 52 -19.46 -23.07 6.62
N ARG B 53 -18.84 -23.58 5.55
CA ARG B 53 -17.71 -22.94 4.90
C ARG B 53 -18.16 -22.33 3.58
N ILE B 54 -17.76 -21.08 3.35
CA ILE B 54 -18.12 -20.34 2.15
C ILE B 54 -16.84 -20.05 1.37
N GLN B 55 -16.86 -20.37 0.08
CA GLN B 55 -15.67 -20.36 -0.77
C GLN B 55 -15.95 -19.60 -2.06
N MET B 56 -16.47 -18.37 -1.92
CA MET B 56 -16.71 -17.54 -3.08
C MET B 56 -15.42 -17.32 -3.88
N ARG B 57 -15.52 -17.45 -5.19
CA ARG B 57 -14.39 -17.28 -6.09
C ARG B 57 -14.53 -15.97 -6.86
N THR B 58 -13.41 -15.51 -7.42
CA THR B 58 -13.38 -14.29 -8.21
C THR B 58 -13.84 -14.62 -9.63
N ARG B 59 -15.10 -14.32 -9.93
CA ARG B 59 -15.60 -14.55 -11.28
C ARG B 59 -15.05 -13.51 -12.26
N ARG B 60 -15.05 -12.25 -11.86
CA ARG B 60 -14.56 -11.16 -12.70
C ARG B 60 -13.57 -10.33 -11.92
N THR B 61 -12.50 -9.89 -12.60
CA THR B 61 -11.53 -8.96 -12.05
C THR B 61 -11.58 -7.69 -12.89
N LEU B 62 -12.08 -6.61 -12.31
CA LEU B 62 -12.27 -5.35 -13.01
C LEU B 62 -11.04 -4.48 -12.75
N ARG B 63 -10.08 -4.52 -13.68
CA ARG B 63 -8.84 -3.79 -13.55
C ARG B 63 -8.79 -2.67 -14.59
N GLY B 64 -8.04 -1.62 -14.25
CA GLY B 64 -7.98 -0.44 -15.09
C GLY B 64 -7.88 0.84 -14.30
N HIS B 65 -8.01 0.74 -12.98
CA HIS B 65 -7.87 1.91 -12.12
C HIS B 65 -6.40 2.25 -11.94
N LEU B 66 -6.08 3.53 -12.06
CA LEU B 66 -4.69 3.98 -11.95
C LEU B 66 -4.21 3.90 -10.51
N ALA B 67 -5.01 4.36 -9.57
CA ALA B 67 -4.64 4.44 -8.15
C ALA B 67 -5.63 3.63 -7.32
N LYS B 68 -5.49 3.75 -6.01
CA LYS B 68 -6.30 2.97 -5.09
C LYS B 68 -7.78 3.30 -5.23
N ILE B 69 -8.61 2.29 -5.05
CA ILE B 69 -10.04 2.48 -5.19
C ILE B 69 -10.63 2.73 -3.84
N TYR B 70 -11.10 3.95 -3.64
CA TYR B 70 -11.65 4.32 -2.36
C TYR B 70 -13.16 4.14 -2.16
N ALA B 71 -13.91 3.74 -3.18
CA ALA B 71 -15.37 3.68 -3.03
C ALA B 71 -16.07 2.76 -4.00
N MET B 72 -17.25 2.26 -3.62
CA MET B 72 -17.91 1.28 -4.47
C MET B 72 -19.41 1.37 -4.27
N HIS B 73 -20.16 1.24 -5.36
CA HIS B 73 -21.61 1.18 -5.27
C HIS B 73 -22.17 0.49 -6.50
N TRP B 74 -23.24 -0.26 -6.30
CA TRP B 74 -23.93 -0.97 -7.37
C TRP B 74 -25.20 -0.23 -7.77
N GLY B 75 -25.51 -0.27 -9.05
CA GLY B 75 -26.75 0.30 -9.52
C GLY B 75 -27.95 -0.54 -9.13
N THR B 76 -29.13 0.08 -9.22
CA THR B 76 -30.37 -0.65 -8.92
C THR B 76 -30.60 -1.80 -9.89
N ASP B 77 -30.01 -1.74 -11.09
CA ASP B 77 -30.12 -2.84 -12.05
C ASP B 77 -29.32 -4.07 -11.64
N SER B 78 -28.50 -3.96 -10.61
CA SER B 78 -27.68 -5.05 -10.07
C SER B 78 -26.62 -5.53 -11.05
N ARG B 79 -26.35 -4.77 -12.11
CA ARG B 79 -25.35 -5.16 -13.11
C ARG B 79 -24.23 -4.13 -13.22
N LEU B 80 -24.56 -2.85 -13.32
CA LEU B 80 -23.55 -1.82 -13.46
C LEU B 80 -22.88 -1.54 -12.12
N LEU B 81 -21.64 -1.04 -12.18
CA LEU B 81 -20.85 -0.72 -11.00
C LEU B 81 -20.23 0.64 -11.16
N VAL B 82 -20.03 1.34 -10.06
CA VAL B 82 -19.26 2.59 -10.04
C VAL B 82 -18.12 2.41 -9.05
N SER B 83 -16.91 2.71 -9.49
CA SER B 83 -15.72 2.64 -8.64
C SER B 83 -15.01 3.97 -8.68
N ALA B 84 -14.74 4.53 -7.52
CA ALA B 84 -14.06 5.81 -7.39
C ALA B 84 -12.62 5.58 -6.96
N SER B 85 -11.68 6.20 -7.66
CA SER B 85 -10.26 6.02 -7.40
C SER B 85 -9.59 7.38 -7.30
N GLN B 86 -8.64 7.46 -6.35
CA GLN B 86 -7.91 8.68 -6.03
C GLN B 86 -7.05 9.19 -7.16
N ASP B 87 -7.01 8.49 -8.29
CA ASP B 87 -6.52 9.06 -9.53
C ASP B 87 -7.53 10.02 -10.16
N GLY B 88 -8.56 10.38 -9.41
CA GLY B 88 -9.64 11.20 -9.93
C GLY B 88 -10.46 10.50 -10.98
N LYS B 89 -10.82 9.23 -10.76
CA LYS B 89 -11.55 8.48 -11.77
C LYS B 89 -12.81 7.88 -11.17
N LEU B 90 -13.95 8.14 -11.83
CA LEU B 90 -15.20 7.45 -11.54
C LEU B 90 -15.46 6.52 -12.72
N ILE B 91 -15.15 5.24 -12.55
CA ILE B 91 -15.29 4.27 -13.63
C ILE B 91 -16.59 3.52 -13.42
N ILE B 92 -17.48 3.62 -14.40
CA ILE B 92 -18.72 2.85 -14.44
C ILE B 92 -18.43 1.59 -15.24
N TRP B 93 -18.31 0.47 -14.54
CA TRP B 93 -18.06 -0.82 -15.16
C TRP B 93 -19.37 -1.53 -15.47
N ASP B 94 -19.32 -2.39 -16.48
CA ASP B 94 -20.34 -3.43 -16.69
C ASP B 94 -19.76 -4.70 -16.09
N SER B 95 -20.26 -5.07 -14.91
CA SER B 95 -19.68 -6.20 -14.17
C SER B 95 -19.82 -7.50 -14.94
N TYR B 96 -20.88 -7.65 -15.73
CA TYR B 96 -21.09 -8.88 -16.48
C TYR B 96 -19.98 -9.09 -17.52
N THR B 97 -19.60 -8.03 -18.22
CA THR B 97 -18.67 -8.14 -19.33
C THR B 97 -17.30 -7.54 -19.05
N THR B 98 -17.09 -6.96 -17.85
CA THR B 98 -15.82 -6.32 -17.49
C THR B 98 -15.44 -5.24 -18.52
N ASN B 99 -16.43 -4.44 -18.91
CA ASN B 99 -16.25 -3.36 -19.86
C ASN B 99 -16.55 -2.04 -19.16
N LYS B 100 -15.60 -1.12 -19.19
CA LYS B 100 -15.78 0.19 -18.56
C LYS B 100 -16.78 0.99 -19.38
N VAL B 101 -18.04 1.00 -18.93
CA VAL B 101 -19.08 1.74 -19.63
C VAL B 101 -18.75 3.22 -19.66
N HIS B 102 -18.31 3.76 -18.53
CA HIS B 102 -17.98 5.18 -18.44
C HIS B 102 -16.67 5.34 -17.66
N ALA B 103 -15.99 6.45 -17.93
CA ALA B 103 -14.77 6.82 -17.18
C ALA B 103 -14.79 8.35 -17.03
N ILE B 104 -15.30 8.81 -15.90
CA ILE B 104 -15.47 10.24 -15.65
C ILE B 104 -14.23 10.76 -14.93
N PRO B 105 -13.50 11.71 -15.50
CA PRO B 105 -12.43 12.37 -14.76
C PRO B 105 -12.99 13.39 -13.78
N LEU B 106 -12.37 13.48 -12.62
CA LEU B 106 -12.86 14.31 -11.53
C LEU B 106 -11.94 15.49 -11.30
N ARG B 107 -12.54 16.62 -10.93
CA ARG B 107 -11.77 17.83 -10.67
C ARG B 107 -10.82 17.63 -9.49
N SER B 108 -11.29 16.97 -8.44
CA SER B 108 -10.47 16.67 -7.27
C SER B 108 -10.02 15.21 -7.35
N SER B 109 -8.70 14.99 -7.28
CA SER B 109 -8.18 13.64 -7.42
C SER B 109 -8.64 12.75 -6.26
N TRP B 110 -8.60 13.27 -5.04
CA TRP B 110 -8.86 12.46 -3.84
C TRP B 110 -10.36 12.39 -3.61
N VAL B 111 -10.96 11.27 -4.03
CA VAL B 111 -12.38 11.03 -3.87
C VAL B 111 -12.56 9.79 -3.01
N MET B 112 -13.35 9.92 -1.94
CA MET B 112 -13.55 8.86 -0.98
C MET B 112 -14.96 8.28 -1.01
N THR B 113 -15.85 8.82 -1.83
CA THR B 113 -17.24 8.39 -1.85
C THR B 113 -17.73 8.32 -3.29
N CYS B 114 -18.66 7.39 -3.53
CA CYS B 114 -19.30 7.25 -4.82
C CYS B 114 -20.69 6.66 -4.61
N ALA B 115 -21.57 6.85 -5.59
CA ALA B 115 -22.94 6.39 -5.41
C ALA B 115 -23.60 6.16 -6.77
N TYR B 116 -24.64 5.33 -6.75
CA TYR B 116 -25.59 5.21 -7.84
C TYR B 116 -26.93 5.79 -7.40
N ALA B 117 -27.50 6.65 -8.24
CA ALA B 117 -28.88 7.03 -8.03
C ALA B 117 -29.78 5.82 -8.25
N PRO B 118 -30.88 5.70 -7.49
CA PRO B 118 -31.79 4.58 -7.71
C PRO B 118 -32.33 4.51 -9.12
N SER B 119 -32.53 5.66 -9.77
CA SER B 119 -32.89 5.66 -11.18
C SER B 119 -31.73 5.21 -12.06
N GLY B 120 -30.51 5.49 -11.64
CA GLY B 120 -29.33 5.14 -12.41
C GLY B 120 -28.82 6.23 -13.34
N ASN B 121 -29.55 7.33 -13.48
CA ASN B 121 -29.13 8.40 -14.36
C ASN B 121 -28.07 9.31 -13.74
N TYR B 122 -27.81 9.19 -12.44
CA TYR B 122 -26.87 10.06 -11.75
C TYR B 122 -25.90 9.24 -10.91
N VAL B 123 -24.67 9.74 -10.80
CA VAL B 123 -23.65 9.15 -9.95
C VAL B 123 -22.99 10.25 -9.16
N ALA B 124 -22.90 10.08 -7.85
CA ALA B 124 -22.30 11.08 -6.98
C ALA B 124 -20.86 10.72 -6.64
N CYS B 125 -20.09 11.74 -6.31
CA CYS B 125 -18.73 11.57 -5.82
C CYS B 125 -18.43 12.70 -4.86
N GLY B 126 -17.39 12.51 -4.05
CA GLY B 126 -16.98 13.54 -3.12
C GLY B 126 -15.77 13.05 -2.35
N GLY B 127 -15.21 13.96 -1.57
CA GLY B 127 -14.04 13.63 -0.78
C GLY B 127 -13.41 14.83 -0.11
N LEU B 128 -12.09 14.92 -0.20
CA LEU B 128 -11.37 16.03 0.46
C LEU B 128 -11.70 17.38 -0.15
N ASP B 129 -12.34 17.41 -1.32
CA ASP B 129 -12.77 18.68 -1.89
C ASP B 129 -13.94 19.29 -1.15
N ASN B 130 -14.55 18.56 -0.21
CA ASN B 130 -15.69 19.00 0.58
C ASN B 130 -16.91 19.32 -0.27
N ILE B 131 -16.90 18.93 -1.54
CA ILE B 131 -17.95 19.26 -2.49
C ILE B 131 -18.49 17.96 -3.09
N CYS B 132 -19.80 17.79 -3.06
CA CYS B 132 -20.44 16.60 -3.62
C CYS B 132 -20.77 16.87 -5.09
N SER B 133 -20.10 16.16 -5.99
CA SER B 133 -20.28 16.34 -7.42
C SER B 133 -21.21 15.27 -7.94
N ILE B 134 -22.33 15.69 -8.54
CA ILE B 134 -23.32 14.79 -9.11
C ILE B 134 -23.18 14.85 -10.62
N TYR B 135 -22.90 13.69 -11.22
CA TYR B 135 -22.68 13.55 -12.65
C TYR B 135 -23.90 12.89 -13.28
N ASN B 136 -24.38 13.48 -14.38
CA ASN B 136 -25.52 12.96 -15.12
C ASN B 136 -25.02 11.95 -16.14
N LEU B 137 -25.27 10.67 -15.89
CA LEU B 137 -24.83 9.63 -16.82
C LEU B 137 -25.69 9.63 -18.07
N LYS B 138 -26.99 9.39 -17.92
CA LYS B 138 -27.92 9.34 -19.05
C LYS B 138 -28.23 10.77 -19.49
N THR B 139 -27.33 11.31 -20.31
CA THR B 139 -27.45 12.67 -20.83
C THR B 139 -27.72 12.63 -22.32
N ARG B 140 -28.59 13.54 -22.78
CA ARG B 140 -28.93 13.61 -24.19
C ARG B 140 -27.74 14.04 -25.05
N GLU B 141 -26.77 14.75 -24.48
CA GLU B 141 -25.60 15.17 -25.24
C GLU B 141 -24.79 13.97 -25.70
N GLY B 142 -24.65 12.95 -24.85
CA GLY B 142 -23.89 11.77 -25.20
C GLY B 142 -22.57 11.68 -24.48
N ASN B 143 -22.54 12.13 -23.23
CA ASN B 143 -21.33 12.11 -22.41
C ASN B 143 -21.74 12.24 -20.96
N VAL B 144 -20.76 12.39 -20.08
CA VAL B 144 -20.97 12.57 -18.64
C VAL B 144 -20.49 13.96 -18.26
N ARG B 145 -21.35 14.73 -17.61
CA ARG B 145 -21.05 16.09 -17.22
C ARG B 145 -21.42 16.29 -15.75
N VAL B 146 -20.87 17.36 -15.17
CA VAL B 146 -21.15 17.68 -13.76
C VAL B 146 -22.54 18.29 -13.71
N SER B 147 -23.55 17.46 -13.40
CA SER B 147 -24.91 17.97 -13.31
C SER B 147 -25.06 18.94 -12.15
N ARG B 148 -24.42 18.65 -11.02
CA ARG B 148 -24.54 19.53 -9.86
C ARG B 148 -23.24 19.49 -9.06
N GLU B 149 -22.96 20.58 -8.35
CA GLU B 149 -21.82 20.68 -7.46
C GLU B 149 -22.32 21.23 -6.13
N LEU B 150 -22.78 20.34 -5.26
CA LEU B 150 -23.30 20.74 -3.95
C LEU B 150 -22.15 21.11 -3.02
N ALA B 151 -22.24 22.29 -2.42
CA ALA B 151 -21.23 22.79 -1.51
C ALA B 151 -21.90 23.35 -0.26
N GLY B 152 -21.16 23.35 0.84
CA GLY B 152 -21.68 23.78 2.12
C GLY B 152 -21.12 22.99 3.27
N HIS B 153 -20.57 21.81 2.97
CA HIS B 153 -19.86 21.05 3.98
C HIS B 153 -18.52 21.68 4.27
N THR B 154 -18.11 21.66 5.55
CA THR B 154 -16.86 22.23 5.99
C THR B 154 -15.80 21.16 6.25
N GLY B 155 -16.00 19.95 5.75
CA GLY B 155 -15.04 18.88 5.92
C GLY B 155 -15.14 17.89 4.78
N TYR B 156 -14.17 16.98 4.74
CA TYR B 156 -14.12 15.97 3.69
C TYR B 156 -15.37 15.09 3.73
N LEU B 157 -15.84 14.67 2.56
CA LEU B 157 -16.99 13.79 2.46
C LEU B 157 -16.52 12.34 2.44
N SER B 158 -17.13 11.52 3.29
CA SER B 158 -16.77 10.12 3.42
C SER B 158 -17.80 9.16 2.84
N CYS B 159 -19.06 9.55 2.79
CA CYS B 159 -20.10 8.68 2.23
C CYS B 159 -21.30 9.53 1.86
N CYS B 160 -21.61 9.58 0.56
CA CYS B 160 -22.78 10.28 0.05
C CYS B 160 -23.60 9.32 -0.80
N ARG B 161 -24.90 9.25 -0.54
CA ARG B 161 -25.77 8.32 -1.25
C ARG B 161 -27.11 8.99 -1.56
N PHE B 162 -27.72 8.58 -2.67
CA PHE B 162 -28.97 9.16 -3.11
C PHE B 162 -30.15 8.55 -2.37
N LEU B 163 -31.18 9.37 -2.16
CA LEU B 163 -32.43 8.90 -1.58
C LEU B 163 -33.43 8.54 -2.68
N ASP B 164 -33.76 9.50 -3.55
CA ASP B 164 -34.73 9.28 -4.61
C ASP B 164 -34.29 9.93 -5.93
N ASP B 165 -32.98 9.99 -6.16
CA ASP B 165 -32.35 10.51 -7.38
C ASP B 165 -32.53 12.02 -7.54
N ASN B 166 -33.26 12.68 -6.65
CA ASN B 166 -33.36 14.14 -6.63
C ASN B 166 -33.13 14.68 -5.22
N GLN B 167 -32.54 13.87 -4.35
CA GLN B 167 -32.35 14.22 -2.95
C GLN B 167 -31.26 13.31 -2.41
N ILE B 168 -30.16 13.91 -1.94
CA ILE B 168 -28.96 13.14 -1.61
C ILE B 168 -28.55 13.44 -0.16
N VAL B 169 -28.22 12.39 0.58
CA VAL B 169 -27.70 12.50 1.93
C VAL B 169 -26.19 12.28 1.88
N THR B 170 -25.43 13.22 2.43
CA THR B 170 -23.99 13.17 2.42
C THR B 170 -23.45 13.19 3.84
N SER B 171 -22.48 12.31 4.12
CA SER B 171 -21.79 12.28 5.40
C SER B 171 -20.41 12.91 5.22
N SER B 172 -20.10 13.89 6.06
CA SER B 172 -18.86 14.65 5.92
C SER B 172 -18.01 14.50 7.17
N GLY B 173 -16.79 15.02 7.08
CA GLY B 173 -15.87 15.02 8.19
C GLY B 173 -16.02 16.15 9.16
N ASP B 174 -17.01 17.02 8.97
CA ASP B 174 -17.28 18.12 9.89
C ASP B 174 -18.22 17.71 11.03
N THR B 175 -18.28 16.41 11.34
CA THR B 175 -19.13 15.83 12.38
C THR B 175 -20.62 16.02 12.12
N THR B 176 -20.99 16.46 10.91
CA THR B 176 -22.38 16.69 10.57
C THR B 176 -22.71 16.04 9.25
N CYS B 177 -23.94 15.54 9.12
CA CYS B 177 -24.46 15.05 7.86
C CYS B 177 -25.39 16.08 7.25
N ALA B 178 -25.60 15.97 5.94
CA ALA B 178 -26.43 16.92 5.23
C ALA B 178 -27.39 16.19 4.30
N LEU B 179 -28.50 16.84 4.01
CA LEU B 179 -29.51 16.35 3.08
C LEU B 179 -29.81 17.48 2.11
N TRP B 180 -29.40 17.30 0.85
CA TRP B 180 -29.49 18.32 -0.17
C TRP B 180 -30.55 17.94 -1.21
N ASP B 181 -31.25 18.95 -1.71
CA ASP B 181 -32.06 18.82 -2.92
C ASP B 181 -31.17 19.16 -4.11
N ILE B 182 -30.93 18.18 -4.97
CA ILE B 182 -29.98 18.37 -6.06
C ILE B 182 -30.45 19.45 -7.02
N GLU B 183 -31.75 19.45 -7.34
CA GLU B 183 -32.30 20.48 -8.23
C GLU B 183 -32.16 21.86 -7.61
N THR B 184 -32.46 21.98 -6.31
CA THR B 184 -32.30 23.26 -5.64
C THR B 184 -30.84 23.58 -5.35
N GLY B 185 -30.02 22.56 -5.11
CA GLY B 185 -28.62 22.76 -4.81
C GLY B 185 -28.35 23.48 -3.51
N GLN B 186 -29.17 23.24 -2.49
CA GLN B 186 -29.01 23.88 -1.19
C GLN B 186 -29.18 22.84 -0.10
N GLN B 187 -28.55 23.10 1.04
CA GLN B 187 -28.61 22.19 2.17
C GLN B 187 -29.99 22.25 2.83
N THR B 188 -30.89 21.36 2.43
CA THR B 188 -32.25 21.40 2.96
C THR B 188 -32.27 21.00 4.43
N THR B 189 -31.51 19.98 4.81
CA THR B 189 -31.51 19.49 6.18
C THR B 189 -30.08 19.28 6.66
N THR B 190 -29.85 19.53 7.94
CA THR B 190 -28.55 19.29 8.56
C THR B 190 -28.74 18.43 9.81
N PHE B 191 -27.96 17.37 9.92
CA PHE B 191 -28.00 16.45 11.05
C PHE B 191 -26.72 16.62 11.86
N THR B 192 -26.87 17.03 13.12
CA THR B 192 -25.75 17.31 14.00
C THR B 192 -25.89 16.52 15.29
N GLY B 193 -24.76 16.26 15.94
CA GLY B 193 -24.75 15.51 17.17
C GLY B 193 -23.55 14.60 17.30
N HIS B 194 -22.91 14.28 16.17
CA HIS B 194 -21.70 13.49 16.21
C HIS B 194 -20.54 14.31 16.79
N THR B 195 -19.74 13.66 17.63
CA THR B 195 -18.56 14.29 18.20
C THR B 195 -17.32 14.14 17.32
N GLY B 196 -17.38 13.30 16.29
CA GLY B 196 -16.25 13.06 15.42
C GLY B 196 -16.67 13.01 13.96
N ASP B 197 -15.68 12.87 13.09
CA ASP B 197 -15.95 12.85 11.65
C ASP B 197 -16.79 11.64 11.30
N VAL B 198 -17.84 11.87 10.51
CA VAL B 198 -18.70 10.78 10.04
C VAL B 198 -17.98 10.05 8.93
N MET B 199 -17.82 8.74 9.07
CA MET B 199 -17.07 7.95 8.11
C MET B 199 -17.93 6.93 7.36
N SER B 200 -19.24 6.89 7.62
CA SER B 200 -20.11 5.94 6.95
C SER B 200 -21.51 6.48 6.93
N LEU B 201 -22.33 5.94 6.03
CA LEU B 201 -23.72 6.36 5.89
C LEU B 201 -24.46 5.30 5.11
N SER B 202 -25.52 4.75 5.69
CA SER B 202 -26.35 3.77 5.02
C SER B 202 -27.82 4.13 5.19
N LEU B 203 -28.63 3.69 4.24
CA LEU B 203 -30.05 4.04 4.20
C LEU B 203 -30.89 2.80 4.43
N ALA B 204 -32.00 2.98 5.14
CA ALA B 204 -32.95 1.90 5.34
C ALA B 204 -33.62 1.55 4.01
N PRO B 205 -34.07 0.30 3.85
CA PRO B 205 -34.79 -0.06 2.61
C PRO B 205 -36.02 0.78 2.37
N ASP B 206 -36.65 1.30 3.43
CA ASP B 206 -37.74 2.24 3.26
C ASP B 206 -37.28 3.66 2.98
N THR B 207 -35.98 3.93 3.14
CA THR B 207 -35.38 5.25 2.89
C THR B 207 -36.04 6.35 3.70
N ARG B 208 -36.50 6.03 4.90
CA ARG B 208 -37.07 7.00 5.81
C ARG B 208 -36.10 7.43 6.91
N LEU B 209 -35.25 6.51 7.37
CA LEU B 209 -34.23 6.80 8.36
C LEU B 209 -32.88 6.33 7.84
N PHE B 210 -31.82 7.02 8.25
CA PHE B 210 -30.47 6.63 7.86
C PHE B 210 -29.55 6.67 9.06
N VAL B 211 -28.64 5.70 9.13
CA VAL B 211 -27.72 5.56 10.26
C VAL B 211 -26.34 6.01 9.81
N SER B 212 -25.78 6.99 10.52
CA SER B 212 -24.46 7.52 10.21
C SER B 212 -23.55 7.29 11.42
N GLY B 213 -22.37 6.75 11.16
CA GLY B 213 -21.40 6.46 12.21
C GLY B 213 -20.21 7.40 12.12
N ALA B 214 -19.84 7.95 13.27
CA ALA B 214 -18.76 8.93 13.31
C ALA B 214 -17.48 8.29 13.83
N CYS B 215 -16.38 9.05 13.76
CA CYS B 215 -15.13 8.59 14.33
C CYS B 215 -15.11 8.88 15.82
N ASP B 216 -16.18 8.50 16.51
CA ASP B 216 -16.27 8.63 17.96
C ASP B 216 -16.91 7.39 18.58
N ALA B 217 -16.90 6.26 17.86
CA ALA B 217 -17.51 5.02 18.31
C ALA B 217 -19.01 5.20 18.60
N SER B 218 -19.68 5.97 17.74
CA SER B 218 -21.11 6.21 17.90
C SER B 218 -21.78 6.22 16.53
N ALA B 219 -22.89 5.50 16.42
CA ALA B 219 -23.71 5.46 15.22
C ALA B 219 -25.09 6.00 15.56
N LYS B 220 -25.50 7.06 14.89
CA LYS B 220 -26.76 7.73 15.18
C LYS B 220 -27.75 7.52 14.04
N LEU B 221 -28.99 7.20 14.39
CA LEU B 221 -30.07 7.01 13.43
C LEU B 221 -30.85 8.32 13.32
N TRP B 222 -30.92 8.87 12.12
CA TRP B 222 -31.57 10.14 11.87
C TRP B 222 -32.81 9.92 11.01
N ASP B 223 -33.90 10.60 11.36
CA ASP B 223 -35.08 10.63 10.52
C ASP B 223 -34.89 11.65 9.42
N VAL B 224 -35.18 11.25 8.18
CA VAL B 224 -34.97 12.12 7.04
C VAL B 224 -35.86 13.35 7.13
N ARG B 225 -37.15 13.15 7.43
CA ARG B 225 -38.08 14.27 7.50
C ARG B 225 -37.86 15.10 8.75
N GLU B 226 -37.67 14.45 9.90
CA GLU B 226 -37.54 15.18 11.16
C GLU B 226 -36.24 16.00 11.20
N GLY B 227 -35.15 15.41 10.72
CA GLY B 227 -33.87 16.09 10.75
C GLY B 227 -33.13 16.01 12.07
N MET B 228 -33.55 15.13 12.97
CA MET B 228 -32.91 14.98 14.28
C MET B 228 -32.71 13.50 14.57
N CYS B 229 -31.69 13.22 15.39
CA CYS B 229 -31.39 11.84 15.76
C CYS B 229 -32.49 11.26 16.62
N ARG B 230 -32.87 10.00 16.34
CA ARG B 230 -33.87 9.30 17.12
C ARG B 230 -33.28 8.26 18.05
N GLN B 231 -32.09 7.73 17.75
CA GLN B 231 -31.45 6.73 18.59
C GLN B 231 -29.96 6.75 18.34
N THR B 232 -29.18 6.91 19.41
CA THR B 232 -27.73 6.88 19.35
C THR B 232 -27.24 5.56 19.91
N PHE B 233 -26.40 4.87 19.16
CA PHE B 233 -25.89 3.56 19.53
C PHE B 233 -24.40 3.67 19.79
N THR B 234 -23.98 3.26 20.98
CA THR B 234 -22.59 3.19 21.37
C THR B 234 -22.23 1.77 21.77
N GLY B 235 -20.94 1.52 21.93
CA GLY B 235 -20.46 0.19 22.24
C GLY B 235 -19.15 -0.11 21.54
N HIS B 236 -18.88 0.63 20.48
CA HIS B 236 -17.59 0.50 19.81
C HIS B 236 -16.50 1.17 20.64
N GLU B 237 -15.26 0.83 20.32
CA GLU B 237 -14.12 1.35 21.06
C GLU B 237 -13.37 2.46 20.32
N SER B 238 -13.45 2.49 18.99
CA SER B 238 -12.68 3.43 18.20
C SER B 238 -13.54 3.95 17.06
N ASP B 239 -12.88 4.58 16.08
CA ASP B 239 -13.58 5.19 14.96
C ASP B 239 -14.37 4.16 14.16
N ILE B 240 -15.63 4.48 13.85
CA ILE B 240 -16.45 3.64 12.99
C ILE B 240 -16.16 4.02 11.55
N ASN B 241 -15.81 3.01 10.73
CA ASN B 241 -15.43 3.23 9.35
C ASN B 241 -16.47 2.75 8.35
N ALA B 242 -17.47 1.99 8.77
CA ALA B 242 -18.40 1.40 7.83
C ALA B 242 -19.73 1.11 8.51
N ILE B 243 -20.82 1.27 7.77
CA ILE B 243 -22.16 0.90 8.22
C ILE B 243 -22.92 0.28 7.06
N CYS B 244 -23.64 -0.80 7.34
CA CYS B 244 -24.59 -1.37 6.40
C CYS B 244 -25.88 -1.68 7.15
N PHE B 245 -27.00 -1.66 6.42
CA PHE B 245 -28.29 -1.96 7.00
C PHE B 245 -28.66 -3.42 6.79
N PHE B 246 -29.36 -3.98 7.77
CA PHE B 246 -29.97 -5.28 7.60
C PHE B 246 -31.08 -5.18 6.56
N PRO B 247 -31.30 -6.25 5.77
CA PRO B 247 -32.37 -6.20 4.77
C PRO B 247 -33.74 -5.88 5.34
N ASN B 248 -34.04 -6.35 6.56
CA ASN B 248 -35.31 -6.02 7.19
C ASN B 248 -35.40 -4.55 7.58
N GLY B 249 -34.27 -3.86 7.68
CA GLY B 249 -34.24 -2.47 8.04
C GLY B 249 -34.36 -2.17 9.52
N ASN B 250 -34.45 -3.21 10.36
CA ASN B 250 -34.56 -3.04 11.81
C ASN B 250 -33.22 -3.20 12.53
N ALA B 251 -32.13 -3.36 11.79
CA ALA B 251 -30.82 -3.57 12.39
C ALA B 251 -29.75 -3.05 11.44
N PHE B 252 -28.56 -2.83 11.99
CA PHE B 252 -27.46 -2.35 11.18
C PHE B 252 -26.13 -2.80 11.79
N ALA B 253 -25.19 -3.18 10.93
CA ALA B 253 -23.88 -3.65 11.35
C ALA B 253 -22.84 -2.56 11.11
N THR B 254 -22.01 -2.33 12.12
CA THR B 254 -20.99 -1.29 12.07
C THR B 254 -19.61 -1.92 12.21
N GLY B 255 -18.69 -1.53 11.33
CA GLY B 255 -17.29 -1.91 11.44
C GLY B 255 -16.49 -0.71 11.91
N SER B 256 -15.49 -0.95 12.76
CA SER B 256 -14.73 0.12 13.37
C SER B 256 -13.26 -0.26 13.44
N ASP B 257 -12.45 0.68 13.92
CA ASP B 257 -11.00 0.50 13.97
C ASP B 257 -10.55 -0.42 15.10
N ASP B 258 -11.43 -0.78 16.03
CA ASP B 258 -11.09 -1.78 17.03
C ASP B 258 -11.22 -3.20 16.51
N ALA B 259 -11.32 -3.36 15.19
CA ALA B 259 -11.31 -4.64 14.48
C ALA B 259 -12.53 -5.51 14.80
N THR B 260 -13.56 -4.96 15.44
CA THR B 260 -14.73 -5.73 15.83
C THR B 260 -15.97 -5.14 15.18
N CYS B 261 -16.73 -5.97 14.49
CA CYS B 261 -18.03 -5.56 13.98
C CYS B 261 -19.08 -5.66 15.08
N ARG B 262 -20.08 -4.81 14.99
CA ARG B 262 -21.16 -4.80 15.99
C ARG B 262 -22.49 -4.62 15.27
N LEU B 263 -23.37 -5.60 15.43
CA LEU B 263 -24.72 -5.55 14.87
C LEU B 263 -25.65 -5.01 15.93
N PHE B 264 -26.16 -3.80 15.71
CA PHE B 264 -27.12 -3.16 16.58
C PHE B 264 -28.53 -3.39 16.06
N ASP B 265 -29.48 -3.49 16.97
CA ASP B 265 -30.89 -3.67 16.64
C ASP B 265 -31.66 -2.41 17.03
N LEU B 266 -32.41 -1.87 16.08
CA LEU B 266 -33.17 -0.66 16.35
C LEU B 266 -34.25 -0.88 17.40
N ARG B 267 -34.93 -2.03 17.35
CA ARG B 267 -35.99 -2.32 18.31
C ARG B 267 -35.45 -2.38 19.73
N ALA B 268 -34.31 -3.05 19.92
CA ALA B 268 -33.71 -3.15 21.25
C ALA B 268 -33.01 -1.87 21.68
N ASP B 269 -32.68 -0.99 20.73
CA ASP B 269 -32.00 0.28 21.02
C ASP B 269 -30.67 0.05 21.73
N GLN B 270 -30.00 -1.05 21.44
CA GLN B 270 -28.73 -1.38 22.05
C GLN B 270 -28.01 -2.40 21.18
N GLU B 271 -26.75 -2.66 21.52
CA GLU B 271 -25.96 -3.62 20.77
C GLU B 271 -26.58 -5.01 20.89
N LEU B 272 -26.56 -5.74 19.78
CA LEU B 272 -27.17 -7.06 19.73
C LEU B 272 -26.16 -8.18 19.51
N MET B 273 -25.17 -7.98 18.64
CA MET B 273 -24.19 -9.01 18.36
C MET B 273 -22.82 -8.38 18.15
N THR B 274 -21.77 -9.12 18.50
CA THR B 274 -20.39 -8.68 18.29
C THR B 274 -19.65 -9.74 17.50
N TYR B 275 -18.96 -9.31 16.45
CA TYR B 275 -18.16 -10.18 15.59
C TYR B 275 -16.70 -9.82 15.77
N SER B 276 -15.90 -10.76 16.28
CA SER B 276 -14.49 -10.51 16.54
C SER B 276 -13.76 -11.83 16.57
N HIS B 277 -12.43 -11.75 16.61
CA HIS B 277 -11.57 -12.93 16.65
C HIS B 277 -10.24 -12.52 17.27
N ASP B 278 -9.36 -13.51 17.44
CA ASP B 278 -8.04 -13.25 17.99
C ASP B 278 -7.02 -12.91 16.91
N ASN B 279 -7.16 -13.50 15.71
CA ASN B 279 -6.21 -13.25 14.65
C ASN B 279 -6.38 -11.87 14.02
N ILE B 280 -7.56 -11.26 14.16
CA ILE B 280 -7.80 -9.94 13.60
C ILE B 280 -7.20 -8.88 14.52
N ILE B 281 -6.33 -8.04 13.96
CA ILE B 281 -5.70 -6.96 14.72
C ILE B 281 -5.77 -5.67 13.92
N CYS B 282 -6.59 -5.66 12.88
CA CYS B 282 -6.69 -4.52 11.96
C CYS B 282 -8.14 -4.08 11.85
N GLY B 283 -8.35 -2.77 11.75
CA GLY B 283 -9.69 -2.24 11.72
C GLY B 283 -10.42 -2.54 10.43
N ILE B 284 -11.74 -2.51 10.52
CA ILE B 284 -12.61 -2.74 9.36
C ILE B 284 -12.70 -1.44 8.55
N THR B 285 -12.75 -1.58 7.22
CA THR B 285 -12.85 -0.44 6.34
C THR B 285 -14.21 -0.31 5.67
N SER B 286 -14.79 -1.41 5.20
CA SER B 286 -16.11 -1.38 4.57
C SER B 286 -16.87 -2.64 4.93
N VAL B 287 -18.17 -2.49 5.18
CA VAL B 287 -19.06 -3.62 5.47
C VAL B 287 -20.23 -3.58 4.51
N SER B 288 -20.85 -4.76 4.37
CA SER B 288 -21.97 -4.91 3.47
C SER B 288 -22.72 -6.17 3.82
N PHE B 289 -23.98 -6.05 4.21
CA PHE B 289 -24.82 -7.22 4.51
C PHE B 289 -25.28 -7.96 3.27
N SER B 290 -25.63 -9.24 3.42
CA SER B 290 -26.18 -10.01 2.30
C SER B 290 -27.67 -9.74 2.13
N LYS B 291 -28.20 -9.94 0.92
CA LYS B 291 -29.61 -9.66 0.66
C LYS B 291 -30.53 -10.37 1.63
N SER B 292 -30.11 -11.53 2.16
CA SER B 292 -30.90 -12.22 3.17
C SER B 292 -30.56 -11.80 4.59
N GLY B 293 -29.43 -11.12 4.79
CA GLY B 293 -28.99 -10.76 6.12
C GLY B 293 -28.29 -11.86 6.89
N ARG B 294 -28.17 -13.06 6.32
CA ARG B 294 -27.49 -14.14 7.00
C ARG B 294 -25.97 -13.96 6.98
N LEU B 295 -25.44 -13.28 5.96
CA LEU B 295 -24.01 -13.08 5.82
C LEU B 295 -23.69 -11.60 5.95
N LEU B 296 -22.79 -11.27 6.86
CA LEU B 296 -22.26 -9.93 7.03
C LEU B 296 -20.86 -9.90 6.46
N LEU B 297 -20.68 -9.19 5.35
CA LEU B 297 -19.38 -9.07 4.72
C LEU B 297 -18.69 -7.82 5.26
N ALA B 298 -17.37 -7.92 5.47
CA ALA B 298 -16.62 -6.81 6.03
C ALA B 298 -15.20 -6.82 5.47
N GLY B 299 -14.81 -5.75 4.81
CA GLY B 299 -13.44 -5.63 4.34
C GLY B 299 -12.52 -5.18 5.46
N TYR B 300 -11.33 -5.79 5.51
CA TYR B 300 -10.39 -5.53 6.59
C TYR B 300 -9.12 -4.89 6.04
N ASP B 301 -8.35 -4.30 6.95
CA ASP B 301 -7.07 -3.69 6.60
C ASP B 301 -5.97 -4.71 6.35
N ASP B 302 -6.20 -5.99 6.69
CA ASP B 302 -5.21 -7.04 6.49
C ASP B 302 -5.22 -7.61 5.09
N PHE B 303 -5.75 -6.85 4.12
CA PHE B 303 -5.80 -7.13 2.68
C PHE B 303 -6.83 -8.20 2.34
N ASN B 304 -7.62 -8.67 3.31
CA ASN B 304 -8.59 -9.73 3.06
C ASN B 304 -9.94 -9.33 3.63
N CYS B 305 -11.00 -9.68 2.90
CA CYS B 305 -12.36 -9.50 3.38
C CYS B 305 -12.80 -10.74 4.15
N ASN B 306 -13.78 -10.57 5.02
CA ASN B 306 -14.29 -11.66 5.83
C ASN B 306 -15.81 -11.66 5.79
N VAL B 307 -16.39 -12.83 5.54
CA VAL B 307 -17.84 -13.01 5.60
C VAL B 307 -18.16 -13.75 6.89
N TRP B 308 -19.07 -13.19 7.68
CA TRP B 308 -19.46 -13.73 8.97
C TRP B 308 -20.91 -14.18 8.92
N ASP B 309 -21.23 -15.20 9.71
CA ASP B 309 -22.62 -15.59 9.92
C ASP B 309 -23.23 -14.64 10.93
N ALA B 310 -24.07 -13.72 10.45
CA ALA B 310 -24.64 -12.69 11.34
C ALA B 310 -25.46 -13.31 12.46
N LEU B 311 -26.10 -14.45 12.21
CA LEU B 311 -26.87 -15.12 13.25
C LEU B 311 -25.98 -15.86 14.25
N LYS B 312 -24.87 -16.44 13.78
CA LYS B 312 -24.01 -17.23 14.64
C LYS B 312 -22.72 -16.53 15.05
N ALA B 313 -22.45 -15.34 14.54
CA ALA B 313 -21.28 -14.53 14.85
C ALA B 313 -19.96 -15.23 14.52
N ASP B 314 -20.02 -16.34 13.77
CA ASP B 314 -18.82 -17.07 13.40
C ASP B 314 -18.34 -16.64 12.03
N ARG B 315 -17.02 -16.62 11.85
CA ARG B 315 -16.42 -16.22 10.59
C ARG B 315 -16.69 -17.31 9.55
N ALA B 316 -17.69 -17.07 8.70
CA ALA B 316 -18.10 -18.07 7.72
C ALA B 316 -16.98 -18.34 6.71
N GLY B 317 -16.30 -17.29 6.26
CA GLY B 317 -15.27 -17.48 5.25
C GLY B 317 -14.46 -16.23 5.04
N VAL B 318 -13.44 -16.37 4.19
CA VAL B 318 -12.50 -15.29 3.89
C VAL B 318 -12.44 -15.10 2.39
N LEU B 319 -12.44 -13.84 1.96
CA LEU B 319 -12.27 -13.46 0.56
C LEU B 319 -10.91 -12.79 0.44
N ALA B 320 -9.90 -13.57 0.10
CA ALA B 320 -8.53 -13.09 -0.08
C ALA B 320 -8.38 -12.58 -1.52
N GLY B 321 -7.14 -12.37 -1.96
CA GLY B 321 -6.88 -12.04 -3.34
C GLY B 321 -6.58 -10.58 -3.63
N HIS B 322 -6.49 -9.75 -2.60
CA HIS B 322 -6.16 -8.34 -2.77
C HIS B 322 -4.75 -8.08 -2.25
N ASP B 323 -3.91 -7.47 -3.09
CA ASP B 323 -2.56 -7.15 -2.69
C ASP B 323 -2.50 -5.99 -1.69
N ASN B 324 -3.61 -5.30 -1.47
CA ASN B 324 -3.70 -4.21 -0.51
C ASN B 324 -5.02 -4.30 0.23
N ARG B 325 -5.25 -3.38 1.15
CA ARG B 325 -6.42 -3.44 2.02
C ARG B 325 -7.70 -3.23 1.22
N VAL B 326 -8.75 -3.95 1.62
CA VAL B 326 -10.06 -3.86 0.94
C VAL B 326 -10.72 -2.57 1.42
N SER B 327 -10.67 -1.54 0.57
CA SER B 327 -11.17 -0.23 0.96
C SER B 327 -12.66 -0.04 0.69
N CYS B 328 -13.27 -0.87 -0.14
CA CYS B 328 -14.68 -0.74 -0.43
C CYS B 328 -15.27 -2.11 -0.71
N LEU B 329 -16.50 -2.31 -0.29
CA LEU B 329 -17.15 -3.61 -0.35
C LEU B 329 -18.64 -3.41 -0.56
N GLY B 330 -19.19 -3.97 -1.63
CA GLY B 330 -20.60 -3.80 -1.93
C GLY B 330 -21.29 -5.06 -2.40
N VAL B 331 -22.44 -5.36 -1.80
CA VAL B 331 -23.25 -6.51 -2.18
C VAL B 331 -24.37 -6.00 -3.09
N THR B 332 -24.53 -6.65 -4.24
CA THR B 332 -25.50 -6.19 -5.22
C THR B 332 -26.93 -6.40 -4.72
N ASP B 333 -27.84 -5.62 -5.31
CA ASP B 333 -29.24 -5.69 -4.90
C ASP B 333 -29.85 -7.04 -5.20
N ASP B 334 -29.38 -7.72 -6.24
CA ASP B 334 -29.88 -9.04 -6.57
C ASP B 334 -29.28 -10.14 -5.70
N GLY B 335 -28.19 -9.85 -4.99
CA GLY B 335 -27.50 -10.84 -4.19
C GLY B 335 -26.64 -11.79 -4.97
N MET B 336 -26.51 -11.60 -6.30
CA MET B 336 -25.79 -12.56 -7.11
C MET B 336 -24.29 -12.47 -6.89
N ALA B 337 -23.76 -11.28 -6.66
CA ALA B 337 -22.32 -11.07 -6.61
C ALA B 337 -21.97 -10.00 -5.59
N VAL B 338 -20.68 -9.94 -5.28
CA VAL B 338 -20.10 -8.94 -4.39
C VAL B 338 -18.97 -8.26 -5.15
N ALA B 339 -18.72 -6.99 -4.84
CA ALA B 339 -17.61 -6.26 -5.42
C ALA B 339 -16.70 -5.80 -4.29
N THR B 340 -15.43 -6.18 -4.37
CA THR B 340 -14.42 -5.81 -3.38
C THR B 340 -13.35 -5.00 -4.09
N GLY B 341 -13.28 -3.71 -3.78
CA GLY B 341 -12.27 -2.83 -4.33
C GLY B 341 -11.22 -2.52 -3.27
N SER B 342 -9.96 -2.73 -3.63
CA SER B 342 -8.87 -2.60 -2.67
C SER B 342 -7.97 -1.44 -3.05
N TRP B 343 -6.99 -1.17 -2.19
CA TRP B 343 -6.03 -0.10 -2.44
C TRP B 343 -5.02 -0.45 -3.52
N ASP B 344 -5.13 -1.70 -4.01
CA ASP B 344 -4.24 -2.18 -5.08
C ASP B 344 -4.87 -1.93 -6.42
N SER B 345 -5.62 -0.86 -6.52
CA SER B 345 -6.24 -0.42 -7.77
C SER B 345 -6.99 -1.55 -8.47
N PHE B 346 -7.42 -2.56 -7.73
CA PHE B 346 -8.14 -3.69 -8.29
C PHE B 346 -9.49 -3.85 -7.62
N LEU B 347 -10.50 -4.14 -8.44
CA LEU B 347 -11.86 -4.39 -7.99
C LEU B 347 -12.26 -5.77 -8.50
N LYS B 348 -12.60 -6.66 -7.58
CA LYS B 348 -12.90 -8.05 -7.90
C LYS B 348 -14.36 -8.35 -7.65
N ILE B 349 -14.94 -9.22 -8.48
CA ILE B 349 -16.34 -9.62 -8.37
C ILE B 349 -16.38 -11.07 -7.90
N TRP B 350 -17.21 -11.34 -6.90
CA TRP B 350 -17.30 -12.63 -6.24
C TRP B 350 -18.70 -13.20 -6.38
N ASN B 351 -18.78 -14.50 -6.63
CA ASN B 351 -20.06 -15.18 -6.75
C ASN B 351 -19.92 -16.68 -6.50
N LEU C 19 -30.29 13.25 24.66
CA LEU C 19 -30.23 11.91 25.24
C LEU C 19 -31.59 11.47 25.75
N LYS C 20 -32.42 12.45 26.15
CA LYS C 20 -33.75 12.12 26.64
C LYS C 20 -34.61 11.49 25.55
N MET C 21 -34.54 12.04 24.32
CA MET C 21 -35.31 11.48 23.22
C MET C 21 -34.86 10.07 22.88
N GLU C 22 -33.55 9.82 22.87
CA GLU C 22 -33.04 8.50 22.57
C GLU C 22 -33.44 7.49 23.64
N ALA C 23 -33.40 7.89 24.92
CA ALA C 23 -33.76 6.98 25.99
C ALA C 23 -35.24 6.61 25.93
N ASN C 24 -36.10 7.58 25.68
CA ASN C 24 -37.54 7.35 25.62
C ASN C 24 -37.88 6.69 24.29
N ILE C 25 -37.98 5.36 24.29
CA ILE C 25 -38.27 4.60 23.09
C ILE C 25 -38.88 3.27 23.51
N ASP C 26 -39.59 2.63 22.58
CA ASP C 26 -40.22 1.33 22.84
C ASP C 26 -39.18 0.22 22.66
N ARG C 27 -38.26 0.16 23.61
CA ARG C 27 -37.17 -0.82 23.57
C ARG C 27 -37.73 -2.21 23.81
N ILE C 28 -37.68 -3.06 22.78
CA ILE C 28 -38.16 -4.43 22.90
C ILE C 28 -37.04 -5.31 23.43
N LYS C 29 -37.41 -6.47 23.93
CA LYS C 29 -36.42 -7.42 24.44
C LYS C 29 -35.55 -7.92 23.30
N VAL C 30 -34.26 -8.13 23.59
CA VAL C 30 -33.32 -8.60 22.56
C VAL C 30 -33.69 -9.98 22.06
N SER C 31 -34.41 -10.77 22.86
CA SER C 31 -34.87 -12.07 22.38
C SER C 31 -35.85 -11.91 21.21
N LYS C 32 -36.77 -10.95 21.33
CA LYS C 32 -37.71 -10.71 20.24
C LYS C 32 -36.99 -10.21 18.99
N ALA C 33 -36.02 -9.31 19.16
CA ALA C 33 -35.27 -8.82 18.01
C ALA C 33 -34.48 -9.94 17.34
N ALA C 34 -33.85 -10.81 18.15
CA ALA C 34 -33.11 -11.93 17.58
C ALA C 34 -34.04 -12.88 16.84
N ALA C 35 -35.22 -13.15 17.41
CA ALA C 35 -36.18 -14.02 16.74
C ALA C 35 -36.64 -13.40 15.42
N ASP C 36 -36.90 -12.09 15.41
CA ASP C 36 -37.31 -11.43 14.18
C ASP C 36 -36.21 -11.49 13.13
N LEU C 37 -34.96 -11.26 13.53
CA LEU C 37 -33.86 -11.33 12.58
C LEU C 37 -33.69 -12.74 12.03
N MET C 38 -33.80 -13.75 12.89
CA MET C 38 -33.70 -15.13 12.44
C MET C 38 -34.82 -15.47 11.47
N ALA C 39 -36.05 -15.01 11.76
CA ALA C 39 -37.16 -15.26 10.85
C ALA C 39 -36.94 -14.57 9.51
N TYR C 40 -36.43 -13.34 9.53
CA TYR C 40 -36.16 -12.63 8.28
C TYR C 40 -35.08 -13.34 7.47
N CYS C 41 -34.03 -13.82 8.15
CA CYS C 41 -32.96 -14.53 7.44
C CYS C 41 -33.46 -15.85 6.86
N GLU C 42 -34.30 -16.57 7.61
CA GLU C 42 -34.82 -17.85 7.12
C GLU C 42 -35.81 -17.67 5.98
N ALA C 43 -36.66 -16.66 6.06
CA ALA C 43 -37.66 -16.44 5.01
C ALA C 43 -37.00 -16.08 3.68
N HIS C 44 -35.97 -15.23 3.73
CA HIS C 44 -35.26 -14.79 2.52
C HIS C 44 -33.99 -15.60 2.27
N ALA C 45 -33.86 -16.76 2.91
CA ALA C 45 -32.66 -17.58 2.72
C ALA C 45 -32.53 -18.07 1.29
N LYS C 46 -33.64 -18.48 0.68
CA LYS C 46 -33.58 -19.00 -0.68
C LYS C 46 -33.24 -17.91 -1.68
N GLU C 47 -33.62 -16.67 -1.41
CA GLU C 47 -33.40 -15.56 -2.34
C GLU C 47 -32.00 -14.95 -2.23
N ASP C 48 -31.06 -15.63 -1.57
CA ASP C 48 -29.69 -15.13 -1.43
C ASP C 48 -28.73 -16.03 -2.18
N PRO C 49 -28.27 -15.64 -3.36
CA PRO C 49 -27.28 -16.47 -4.08
C PRO C 49 -25.97 -16.65 -3.31
N LEU C 50 -25.59 -15.69 -2.47
CA LEU C 50 -24.36 -15.83 -1.70
C LEU C 50 -24.48 -16.95 -0.67
N LEU C 51 -25.61 -17.02 0.02
CA LEU C 51 -25.81 -18.07 1.03
C LEU C 51 -25.87 -19.44 0.37
N THR C 52 -26.70 -19.60 -0.64
CA THR C 52 -26.79 -20.84 -1.41
C THR C 52 -26.31 -20.61 -2.83
N PRO C 53 -25.18 -21.20 -3.23
CA PRO C 53 -24.65 -20.93 -4.58
C PRO C 53 -25.60 -21.40 -5.67
N VAL C 54 -26.05 -20.46 -6.47
CA VAL C 54 -26.95 -20.75 -7.59
C VAL C 54 -26.15 -21.47 -8.68
N PRO C 55 -26.79 -22.27 -9.52
CA PRO C 55 -26.06 -22.91 -10.62
C PRO C 55 -25.48 -21.89 -11.58
N ALA C 56 -24.37 -22.26 -12.22
CA ALA C 56 -23.68 -21.35 -13.13
C ALA C 56 -24.58 -20.88 -14.26
N SER C 57 -25.54 -21.72 -14.67
CA SER C 57 -26.50 -21.29 -15.68
C SER C 57 -27.34 -20.12 -15.19
N GLU C 58 -27.77 -20.16 -13.93
CA GLU C 58 -28.53 -19.06 -13.36
C GLU C 58 -27.64 -17.87 -13.00
N ASN C 59 -26.40 -18.13 -12.60
CA ASN C 59 -25.50 -17.06 -12.19
C ASN C 59 -25.00 -16.31 -13.42
N PRO C 60 -25.26 -15.00 -13.54
CA PRO C 60 -24.80 -14.28 -14.73
C PRO C 60 -23.30 -14.15 -14.83
N PHE C 61 -22.56 -14.33 -13.74
CA PHE C 61 -21.11 -14.18 -13.74
C PHE C 61 -20.42 -15.51 -14.02
N GLN D 24 -20.01 2.56 26.01
CA GLN D 24 -19.73 3.99 26.13
C GLN D 24 -18.32 4.23 26.66
N VAL D 25 -17.52 4.95 25.90
CA VAL D 25 -16.13 5.22 26.28
C VAL D 25 -16.11 6.35 27.29
N GLN D 26 -15.46 6.11 28.43
CA GLN D 26 -15.35 7.11 29.49
C GLN D 26 -13.92 7.14 30.01
N LEU D 27 -13.43 8.35 30.31
CA LEU D 27 -12.07 8.55 30.80
C LEU D 27 -12.07 9.59 31.92
N GLN D 28 -13.01 9.46 32.86
CA GLN D 28 -13.14 10.43 33.93
C GLN D 28 -11.85 10.53 34.74
N GLU D 29 -11.41 11.75 35.00
CA GLU D 29 -10.17 12.01 35.70
C GLU D 29 -10.42 12.34 37.17
N SER D 30 -9.49 11.89 38.02
CA SER D 30 -9.54 12.12 39.45
C SER D 30 -8.18 12.66 39.92
N GLY D 31 -8.23 13.47 40.97
CA GLY D 31 -7.03 14.12 41.47
C GLY D 31 -6.84 15.49 40.88
N GLY D 32 -6.46 16.46 41.69
CA GLY D 32 -6.26 17.81 41.19
C GLY D 32 -6.44 18.83 42.30
N GLY D 33 -6.91 20.01 41.90
CA GLY D 33 -7.11 21.10 42.84
C GLY D 33 -5.87 21.93 43.04
N LEU D 34 -6.01 22.92 43.91
CA LEU D 34 -4.90 23.82 44.20
C LEU D 34 -3.78 23.08 44.94
N VAL D 35 -2.55 23.43 44.62
CA VAL D 35 -1.38 22.83 45.26
C VAL D 35 -0.24 23.83 45.23
N GLN D 36 0.56 23.83 46.30
CA GLN D 36 1.70 24.73 46.37
C GLN D 36 2.74 24.33 45.34
N PRO D 37 3.50 25.29 44.81
CA PRO D 37 4.54 24.96 43.84
C PRO D 37 5.56 23.98 44.41
N GLY D 38 6.00 23.05 43.58
CA GLY D 38 6.92 22.02 44.01
C GLY D 38 6.29 20.84 44.71
N GLY D 39 4.97 20.84 44.89
CA GLY D 39 4.29 19.76 45.57
C GLY D 39 4.03 18.57 44.67
N SER D 40 3.38 17.57 45.24
CA SER D 40 3.04 16.34 44.55
C SER D 40 1.53 16.25 44.38
N LEU D 41 1.08 16.01 43.14
CA LEU D 41 -0.34 15.90 42.82
C LEU D 41 -0.50 14.82 41.76
N ARG D 42 -0.78 13.60 42.20
CA ARG D 42 -0.90 12.48 41.29
C ARG D 42 -2.31 12.42 40.71
N LEU D 43 -2.40 12.37 39.38
CA LEU D 43 -3.68 12.30 38.69
C LEU D 43 -3.93 10.88 38.20
N SER D 44 -5.20 10.50 38.14
CA SER D 44 -5.59 9.17 37.70
C SER D 44 -6.75 9.27 36.73
N CYS D 45 -6.87 8.27 35.86
CA CYS D 45 -7.99 8.20 34.92
C CYS D 45 -8.68 6.86 35.06
N ALA D 46 -10.02 6.90 35.04
CA ALA D 46 -10.84 5.68 35.12
C ALA D 46 -11.29 5.29 33.71
N ALA D 47 -10.32 4.81 32.93
CA ALA D 47 -10.58 4.44 31.55
C ALA D 47 -11.47 3.22 31.49
N SER D 48 -12.71 3.39 31.01
CA SER D 48 -13.66 2.31 30.88
C SER D 48 -14.33 2.38 29.52
N GLY D 49 -14.82 1.23 29.06
CA GLY D 49 -15.47 1.13 27.77
C GLY D 49 -14.60 0.56 26.66
N PHE D 50 -13.38 0.14 26.96
CA PHE D 50 -12.51 -0.48 25.97
C PHE D 50 -11.50 -1.38 26.69
N THR D 51 -10.76 -2.14 25.89
CA THR D 51 -9.85 -3.13 26.46
C THR D 51 -8.77 -2.48 27.31
N PHE D 52 -8.18 -1.38 26.82
CA PHE D 52 -7.23 -0.55 27.56
C PHE D 52 -5.88 -1.25 27.70
N SER D 53 -5.81 -2.53 27.32
CA SER D 53 -4.56 -3.27 27.37
C SER D 53 -3.77 -3.18 26.08
N ASN D 54 -4.32 -2.52 25.05
CA ASN D 54 -3.64 -2.36 23.78
C ASN D 54 -3.51 -0.92 23.34
N TYR D 55 -4.34 -0.01 23.83
CA TYR D 55 -4.32 1.37 23.38
C TYR D 55 -3.18 2.14 24.02
N LYS D 56 -2.36 2.78 23.20
CA LYS D 56 -1.40 3.75 23.73
C LYS D 56 -2.16 4.92 24.35
N MET D 57 -1.69 5.37 25.51
CA MET D 57 -2.37 6.42 26.23
C MET D 57 -1.49 7.65 26.34
N ASN D 58 -2.12 8.80 26.57
CA ASN D 58 -1.42 10.06 26.67
C ASN D 58 -2.07 10.91 27.74
N TRP D 59 -1.27 11.78 28.34
CA TRP D 59 -1.75 12.89 29.15
C TRP D 59 -1.56 14.17 28.35
N VAL D 60 -2.61 14.98 28.27
CA VAL D 60 -2.61 16.26 27.56
C VAL D 60 -3.02 17.34 28.55
N ARG D 61 -2.51 18.54 28.35
CA ARG D 61 -2.88 19.66 29.21
C ARG D 61 -3.27 20.87 28.36
N GLN D 62 -4.25 21.61 28.85
CA GLN D 62 -4.68 22.87 28.25
C GLN D 62 -4.44 23.97 29.27
N ALA D 63 -3.51 24.87 28.97
CA ALA D 63 -3.28 26.02 29.82
C ALA D 63 -4.47 26.97 29.75
N PRO D 64 -4.66 27.81 30.76
CA PRO D 64 -5.79 28.75 30.71
C PRO D 64 -5.66 29.73 29.56
N GLY D 65 -6.54 29.59 28.58
CA GLY D 65 -6.52 30.45 27.41
C GLY D 65 -5.32 30.26 26.51
N LYS D 66 -4.67 29.09 26.54
CA LYS D 66 -3.49 28.82 25.73
C LYS D 66 -3.58 27.39 25.17
N GLY D 67 -4.23 27.26 24.01
CA GLY D 67 -4.24 26.03 23.23
C GLY D 67 -4.43 24.73 23.98
N LEU D 68 -3.74 23.69 23.51
CA LEU D 68 -3.83 22.36 24.12
C LEU D 68 -2.59 21.59 23.71
N GLU D 69 -1.74 21.24 24.67
CA GLU D 69 -0.45 20.64 24.40
C GLU D 69 -0.33 19.27 25.06
N TRP D 70 0.20 18.31 24.29
CA TRP D 70 0.41 16.95 24.79
C TRP D 70 1.50 16.93 25.84
N VAL D 71 1.28 16.15 26.91
CA VAL D 71 2.20 16.11 28.03
C VAL D 71 3.04 14.84 27.98
N SER D 72 2.39 13.68 28.01
CA SER D 72 3.12 12.44 28.13
C SER D 72 2.44 11.35 27.32
N ASP D 73 3.22 10.32 27.00
CA ASP D 73 2.71 9.17 26.26
C ASP D 73 3.24 7.89 26.88
N ILE D 74 2.50 6.81 26.72
CA ILE D 74 2.88 5.51 27.26
C ILE D 74 2.23 4.42 26.42
N SER D 75 3.02 3.43 26.02
CA SER D 75 2.57 2.40 25.10
C SER D 75 1.63 1.42 25.82
N GLN D 76 1.22 0.38 25.09
CA GLN D 76 0.27 -0.58 25.62
C GLN D 76 0.86 -1.36 26.79
N SER D 77 2.12 -1.78 26.67
CA SER D 77 2.75 -2.62 27.69
C SER D 77 3.35 -1.82 28.83
N GLY D 78 3.26 -0.49 28.79
CA GLY D 78 3.82 0.35 29.83
C GLY D 78 5.22 0.83 29.57
N ALA D 79 5.90 0.32 28.55
CA ALA D 79 7.24 0.77 28.20
C ALA D 79 7.14 1.89 27.17
N SER D 80 8.29 2.34 26.66
CA SER D 80 8.35 3.41 25.66
C SER D 80 7.66 4.68 26.14
N ILE D 81 7.81 4.96 27.44
CA ILE D 81 7.20 6.16 28.00
C ILE D 81 7.97 7.39 27.54
N SER D 82 7.24 8.44 27.19
CA SER D 82 7.84 9.71 26.77
C SER D 82 7.06 10.84 27.41
N TYR D 83 7.73 11.98 27.58
CA TYR D 83 7.12 13.14 28.20
C TYR D 83 7.50 14.39 27.42
N THR D 84 6.63 15.40 27.49
CA THR D 84 6.98 16.71 26.96
C THR D 84 8.22 17.24 27.68
N GLY D 85 9.14 17.80 26.91
CA GLY D 85 10.41 18.25 27.48
C GLY D 85 10.23 19.25 28.61
N SER D 86 9.15 20.02 28.60
CA SER D 86 8.92 20.99 29.66
C SER D 86 8.74 20.32 31.01
N VAL D 87 8.27 19.06 31.03
CA VAL D 87 8.06 18.32 32.26
C VAL D 87 8.77 16.97 32.19
N LYS D 88 9.87 16.92 31.43
CA LYS D 88 10.55 15.64 31.20
C LYS D 88 11.08 15.04 32.48
N GLY D 89 11.74 15.85 33.31
CA GLY D 89 12.31 15.32 34.55
C GLY D 89 11.27 14.85 35.54
N ARG D 90 10.22 15.63 35.72
CA ARG D 90 9.13 15.30 36.63
C ARG D 90 8.04 14.56 35.87
N PHE D 91 6.86 14.43 36.49
CA PHE D 91 5.66 13.90 35.83
C PHE D 91 5.87 12.48 35.33
N THR D 92 6.09 11.57 36.27
CA THR D 92 6.27 10.17 35.93
C THR D 92 4.92 9.53 35.62
N ILE D 93 4.80 8.92 34.46
CA ILE D 93 3.55 8.31 34.02
C ILE D 93 3.61 6.81 34.28
N SER D 94 2.44 6.21 34.52
CA SER D 94 2.36 4.79 34.78
C SER D 94 0.98 4.29 34.37
N ARG D 95 0.89 2.98 34.12
CA ARG D 95 -0.34 2.36 33.66
C ARG D 95 -0.51 1.00 34.31
N ASP D 96 -1.70 0.74 34.83
CA ASP D 96 -2.05 -0.54 35.44
C ASP D 96 -3.18 -1.15 34.61
N ASN D 97 -2.85 -2.19 33.83
CA ASN D 97 -3.84 -2.84 32.99
C ASN D 97 -4.86 -3.62 33.83
N ALA D 98 -4.38 -4.36 34.82
CA ALA D 98 -5.28 -5.13 35.68
C ALA D 98 -6.22 -4.19 36.44
N LYS D 99 -5.68 -3.10 36.99
CA LYS D 99 -6.52 -2.10 37.62
C LYS D 99 -7.29 -1.26 36.61
N ASN D 100 -6.97 -1.37 35.32
CA ASN D 100 -7.65 -0.65 34.25
C ASN D 100 -7.60 0.86 34.49
N THR D 101 -6.42 1.35 34.85
CA THR D 101 -6.27 2.76 35.18
C THR D 101 -4.90 3.24 34.72
N LEU D 102 -4.75 4.56 34.66
CA LEU D 102 -3.48 5.16 34.30
C LEU D 102 -3.27 6.43 35.11
N TYR D 103 -2.03 6.63 35.57
CA TYR D 103 -1.69 7.66 36.53
C TYR D 103 -0.54 8.51 36.02
N LEU D 104 -0.52 9.76 36.46
CA LEU D 104 0.56 10.70 36.20
C LEU D 104 0.93 11.34 37.54
N GLN D 105 2.06 10.93 38.11
CA GLN D 105 2.53 11.47 39.37
C GLN D 105 3.40 12.69 39.09
N MET D 106 2.98 13.84 39.61
CA MET D 106 3.71 15.09 39.43
C MET D 106 4.66 15.25 40.62
N ASN D 107 5.92 14.87 40.42
CA ASN D 107 6.90 14.99 41.50
C ASN D 107 7.12 16.44 41.88
N SER D 108 7.18 17.34 40.91
CA SER D 108 7.33 18.76 41.15
C SER D 108 6.23 19.52 40.41
N LEU D 109 5.91 20.70 40.93
CA LEU D 109 4.88 21.54 40.34
C LEU D 109 5.39 22.97 40.20
N LYS D 110 4.96 23.64 39.14
CA LYS D 110 5.31 25.02 38.84
C LYS D 110 4.05 25.79 38.48
N PRO D 111 4.07 27.11 38.61
CA PRO D 111 2.89 27.89 38.19
C PRO D 111 2.53 27.70 36.73
N GLU D 112 3.51 27.43 35.88
CA GLU D 112 3.23 27.15 34.47
C GLU D 112 2.51 25.82 34.28
N ASP D 113 2.52 24.95 35.29
CA ASP D 113 1.83 23.67 35.20
C ASP D 113 0.36 23.76 35.58
N THR D 114 -0.13 24.92 35.99
CA THR D 114 -1.54 25.11 36.30
C THR D 114 -2.34 25.07 35.01
N ALA D 115 -3.12 24.01 34.82
CA ALA D 115 -3.84 23.79 33.56
C ALA D 115 -4.91 22.73 33.80
N VAL D 116 -5.67 22.45 32.75
CA VAL D 116 -6.68 21.38 32.77
C VAL D 116 -6.07 20.16 32.10
N TYR D 117 -6.01 19.05 32.82
CA TYR D 117 -5.37 17.83 32.33
C TYR D 117 -6.43 16.83 31.89
N TYR D 118 -6.25 16.29 30.68
CA TYR D 118 -7.11 15.28 30.11
C TYR D 118 -6.29 14.04 29.79
N CYS D 119 -6.95 12.89 29.78
CA CYS D 119 -6.35 11.65 29.35
C CYS D 119 -6.86 11.30 27.96
N ALA D 120 -5.94 11.15 27.01
CA ALA D 120 -6.27 10.93 25.61
C ALA D 120 -5.90 9.50 25.23
N ARG D 121 -6.88 8.75 24.74
CA ARG D 121 -6.62 7.41 24.23
C ARG D 121 -6.25 7.48 22.76
N CYS D 122 -5.29 6.68 22.35
CA CYS D 122 -4.95 6.60 20.95
C CYS D 122 -6.13 6.02 20.17
N PRO D 123 -6.42 6.54 18.99
CA PRO D 123 -7.60 6.07 18.25
C PRO D 123 -7.51 4.61 17.80
N ALA D 124 -6.41 4.25 17.13
CA ALA D 124 -6.25 2.88 16.67
C ALA D 124 -5.58 2.04 17.76
N PRO D 125 -6.12 0.86 18.07
CA PRO D 125 -5.61 0.10 19.23
C PRO D 125 -4.17 -0.37 19.10
N PHE D 126 -3.86 -1.14 18.05
CA PHE D 126 -2.58 -1.81 17.93
C PHE D 126 -1.58 -1.04 17.07
N THR D 127 -1.64 0.29 17.10
CA THR D 127 -0.76 1.12 16.30
C THR D 127 0.18 1.91 17.20
N ARG D 128 1.28 2.36 16.62
CA ARG D 128 2.29 3.12 17.33
C ARG D 128 2.11 4.63 17.19
N ASP D 129 1.06 5.07 16.52
CA ASP D 129 0.80 6.49 16.30
C ASP D 129 -0.42 6.95 17.09
N CYS D 130 -0.37 8.20 17.53
CA CYS D 130 -1.50 8.84 18.20
C CYS D 130 -1.85 10.10 17.42
N PHE D 131 -3.10 10.18 16.97
CA PHE D 131 -3.58 11.29 16.16
C PHE D 131 -4.66 12.09 16.88
N ASP D 132 -4.43 12.40 18.15
CA ASP D 132 -5.42 13.12 18.95
C ASP D 132 -5.64 14.53 18.39
N VAL D 133 -6.56 15.28 19.00
CA VAL D 133 -7.06 16.53 18.44
C VAL D 133 -6.45 17.70 19.19
N THR D 134 -6.12 18.78 18.47
CA THR D 134 -5.52 19.97 19.07
C THR D 134 -6.59 20.94 19.58
N SER D 135 -7.43 21.44 18.69
CA SER D 135 -8.56 22.28 19.09
C SER D 135 -9.69 21.37 19.53
N THR D 136 -10.10 21.49 20.79
CA THR D 136 -10.71 20.37 21.50
C THR D 136 -11.99 19.87 20.84
N THR D 137 -11.87 18.73 20.15
CA THR D 137 -13.02 18.00 19.62
C THR D 137 -12.87 16.50 19.77
N TYR D 138 -11.77 16.01 20.32
CA TYR D 138 -11.53 14.58 20.45
C TYR D 138 -12.57 13.94 21.36
N ALA D 139 -12.98 12.73 21.00
CA ALA D 139 -14.01 12.00 21.75
C ALA D 139 -13.43 11.05 22.78
N TYR D 140 -12.37 10.32 22.44
CA TYR D 140 -11.73 9.38 23.37
C TYR D 140 -10.81 10.15 24.33
N ARG D 141 -11.42 11.06 25.06
CA ARG D 141 -10.70 11.93 25.98
C ARG D 141 -11.62 12.23 27.17
N GLY D 142 -11.02 12.31 28.35
CA GLY D 142 -11.79 12.55 29.55
C GLY D 142 -12.24 14.00 29.67
N GLN D 143 -13.09 14.24 30.68
CA GLN D 143 -13.57 15.59 30.94
C GLN D 143 -12.44 16.50 31.41
N GLY D 144 -11.47 15.96 32.13
CA GLY D 144 -10.32 16.72 32.56
C GLY D 144 -10.46 17.25 33.97
N THR D 145 -9.32 17.41 34.64
CA THR D 145 -9.25 17.94 35.99
C THR D 145 -8.35 19.17 36.01
N GLN D 146 -8.77 20.19 36.73
CA GLN D 146 -8.05 21.46 36.75
C GLN D 146 -7.09 21.48 37.93
N VAL D 147 -5.81 21.70 37.66
CA VAL D 147 -4.78 21.82 38.68
C VAL D 147 -4.23 23.23 38.65
N THR D 148 -4.00 23.81 39.83
CA THR D 148 -3.53 25.18 39.96
C THR D 148 -2.38 25.23 40.94
N VAL D 149 -1.51 26.22 40.74
CA VAL D 149 -0.36 26.41 41.62
C VAL D 149 -0.32 27.85 42.14
N PHE E 202 45.98 -39.75 -36.17
CA PHE E 202 46.50 -38.39 -36.04
C PHE E 202 45.68 -37.60 -35.03
N LYS E 203 44.41 -37.97 -34.88
CA LYS E 203 43.53 -37.29 -33.95
C LYS E 203 43.95 -37.54 -32.51
N CYS E 204 43.74 -36.55 -31.65
CA CYS E 204 44.09 -36.67 -30.25
C CYS E 204 43.21 -37.71 -29.56
N ALA E 205 43.80 -38.40 -28.59
CA ALA E 205 43.12 -39.47 -27.88
C ALA E 205 42.34 -39.00 -26.66
N LEU E 206 42.46 -37.72 -26.29
CA LEU E 206 41.76 -37.15 -25.15
C LEU E 206 42.09 -37.92 -23.86
N THR E 207 43.37 -37.84 -23.48
CA THR E 207 43.82 -38.50 -22.27
C THR E 207 43.12 -37.93 -21.04
N LYS E 208 42.96 -36.61 -20.99
CA LYS E 208 42.29 -35.95 -19.87
C LYS E 208 40.78 -35.89 -20.10
N THR E 209 40.20 -37.07 -20.25
CA THR E 209 38.76 -37.19 -20.48
C THR E 209 37.94 -37.10 -19.18
N GLY E 210 38.59 -37.18 -18.02
CA GLY E 210 37.86 -37.10 -16.76
C GLY E 210 37.14 -35.79 -16.54
N PHE E 211 37.60 -34.72 -17.19
CA PHE E 211 36.90 -33.44 -17.10
C PHE E 211 35.55 -33.49 -17.78
N GLN E 212 35.31 -34.48 -18.65
CA GLN E 212 34.04 -34.63 -19.33
C GLN E 212 33.25 -35.84 -18.87
N PHE E 213 33.93 -36.93 -18.50
CA PHE E 213 33.23 -38.14 -18.07
C PHE E 213 32.70 -38.02 -16.64
N TYR E 214 33.40 -37.33 -15.76
CA TYR E 214 33.02 -37.25 -14.35
C TYR E 214 32.82 -35.84 -13.84
N TYR E 215 33.69 -34.90 -14.20
CA TYR E 215 33.57 -33.54 -13.68
C TYR E 215 32.28 -32.87 -14.17
N LEU E 216 32.06 -32.89 -15.48
CA LEU E 216 30.87 -32.25 -16.03
C LEU E 216 29.57 -32.88 -15.54
N PRO E 217 29.41 -34.21 -15.48
CA PRO E 217 28.18 -34.75 -14.88
C PRO E 217 27.96 -34.28 -13.45
N ALA E 218 29.02 -34.19 -12.63
CA ALA E 218 28.85 -33.78 -11.25
C ALA E 218 28.45 -32.30 -11.16
N VAL E 219 29.12 -31.44 -11.93
CA VAL E 219 28.78 -30.02 -11.92
C VAL E 219 27.36 -29.81 -12.41
N TYR E 220 26.98 -30.52 -13.49
CA TYR E 220 25.63 -30.40 -14.01
C TYR E 220 24.60 -30.95 -13.02
N ILE E 221 24.94 -31.99 -12.27
CA ILE E 221 24.01 -32.51 -11.27
C ILE E 221 23.80 -31.50 -10.15
N LEU E 222 24.89 -30.90 -9.66
CA LEU E 222 24.74 -29.86 -8.64
C LEU E 222 23.94 -28.68 -9.16
N VAL E 223 24.21 -28.26 -10.40
CA VAL E 223 23.49 -27.15 -11.00
C VAL E 223 22.01 -27.48 -11.16
N PHE E 224 21.70 -28.70 -11.59
CA PHE E 224 20.32 -29.14 -11.66
C PHE E 224 19.65 -29.04 -10.29
N ILE E 225 20.30 -29.62 -9.28
CA ILE E 225 19.70 -29.68 -7.94
C ILE E 225 19.41 -28.28 -7.41
N ILE E 226 20.36 -27.36 -7.56
CA ILE E 226 20.17 -26.01 -7.03
C ILE E 226 19.19 -25.22 -7.90
N GLY E 227 19.50 -25.11 -9.19
CA GLY E 227 18.74 -24.25 -10.07
C GLY E 227 17.31 -24.68 -10.30
N PHE E 228 17.03 -25.98 -10.31
CA PHE E 228 15.64 -26.42 -10.44
C PHE E 228 14.78 -25.84 -9.33
N LEU E 229 15.21 -26.02 -8.08
CA LEU E 229 14.46 -25.49 -6.95
C LEU E 229 14.42 -23.96 -7.00
N GLY E 230 15.57 -23.33 -7.26
CA GLY E 230 15.61 -21.87 -7.23
C GLY E 230 14.72 -21.24 -8.28
N ASN E 231 14.79 -21.72 -9.51
CA ASN E 231 14.00 -21.16 -10.59
C ASN E 231 12.53 -21.55 -10.49
N SER E 232 12.23 -22.75 -9.98
CA SER E 232 10.83 -23.10 -9.73
C SER E 232 10.23 -22.16 -8.70
N VAL E 233 10.96 -21.89 -7.62
CA VAL E 233 10.47 -20.94 -6.61
C VAL E 233 10.30 -19.56 -7.22
N ALA E 234 11.27 -19.14 -8.05
CA ALA E 234 11.21 -17.81 -8.65
C ALA E 234 9.98 -17.67 -9.55
N ILE E 235 9.76 -18.63 -10.44
CA ILE E 235 8.63 -18.54 -11.36
C ILE E 235 7.32 -18.69 -10.61
N TRP E 236 7.28 -19.53 -9.57
CA TRP E 236 6.08 -19.64 -8.76
C TRP E 236 5.75 -18.32 -8.08
N MET E 237 6.76 -17.64 -7.54
CA MET E 237 6.55 -16.33 -6.95
C MET E 237 6.06 -15.33 -7.98
N PHE E 238 6.67 -15.33 -9.16
CA PHE E 238 6.31 -14.35 -10.18
C PHE E 238 4.91 -14.60 -10.74
N VAL E 239 4.45 -15.85 -10.72
CA VAL E 239 3.15 -16.18 -11.32
C VAL E 239 2.03 -16.08 -10.30
N PHE E 240 2.18 -16.73 -9.13
CA PHE E 240 1.07 -16.90 -8.20
C PHE E 240 1.15 -16.02 -6.97
N HIS E 241 2.30 -15.43 -6.66
CA HIS E 241 2.42 -14.65 -5.43
C HIS E 241 3.21 -13.36 -5.60
N MET E 242 3.20 -12.74 -6.77
CA MET E 242 3.93 -11.49 -6.97
C MET E 242 2.97 -10.30 -7.01
N LYS E 243 3.53 -9.12 -7.11
CA LYS E 243 2.83 -7.85 -7.23
C LYS E 243 2.07 -7.80 -8.57
N PRO E 244 1.30 -6.73 -8.85
CA PRO E 244 0.66 -6.62 -10.17
C PRO E 244 1.65 -6.51 -11.33
N TRP E 245 2.94 -6.66 -11.04
CA TRP E 245 4.01 -6.82 -12.02
C TRP E 245 4.40 -5.50 -12.68
N SER E 246 5.65 -5.41 -13.10
CA SER E 246 6.16 -4.26 -13.83
C SER E 246 7.10 -4.78 -14.92
N GLY E 247 7.80 -3.87 -15.58
CA GLY E 247 8.72 -4.28 -16.63
C GLY E 247 9.87 -5.13 -16.11
N ILE E 248 10.48 -4.71 -15.00
CA ILE E 248 11.58 -5.47 -14.44
C ILE E 248 11.09 -6.84 -13.98
N SER E 249 9.86 -6.93 -13.49
CA SER E 249 9.30 -8.23 -13.14
C SER E 249 9.13 -9.11 -14.37
N VAL E 250 8.72 -8.53 -15.49
CA VAL E 250 8.61 -9.30 -16.73
C VAL E 250 9.98 -9.84 -17.15
N TYR E 251 11.00 -8.97 -17.14
CA TYR E 251 12.34 -9.40 -17.53
C TYR E 251 12.86 -10.49 -16.58
N MET E 252 12.66 -10.31 -15.28
CA MET E 252 13.16 -11.28 -14.31
C MET E 252 12.42 -12.61 -14.41
N PHE E 253 11.12 -12.57 -14.67
CA PHE E 253 10.37 -13.82 -14.87
C PHE E 253 10.85 -14.54 -16.12
N ASN E 254 11.11 -13.79 -17.20
CA ASN E 254 11.61 -14.43 -18.41
C ASN E 254 13.00 -15.02 -18.19
N LEU E 255 13.86 -14.32 -17.45
CA LEU E 255 15.18 -14.85 -17.11
C LEU E 255 15.06 -16.11 -16.27
N ALA E 256 14.16 -16.11 -15.28
CA ALA E 256 13.95 -17.30 -14.46
C ALA E 256 13.42 -18.45 -15.29
N LEU E 257 12.52 -18.17 -16.23
CA LEU E 257 12.00 -19.22 -17.11
C LEU E 257 13.11 -19.78 -17.99
N ALA E 258 13.97 -18.92 -18.53
CA ALA E 258 15.09 -19.39 -19.35
C ALA E 258 16.03 -20.27 -18.54
N ASP E 259 16.35 -19.85 -17.31
CA ASP E 259 17.21 -20.66 -16.45
C ASP E 259 16.55 -21.99 -16.10
N PHE E 260 15.24 -21.97 -15.84
CA PHE E 260 14.53 -23.20 -15.52
C PHE E 260 14.51 -24.17 -16.70
N LEU E 261 14.31 -23.65 -17.90
CA LEU E 261 14.33 -24.51 -19.09
C LEU E 261 15.72 -25.04 -19.36
N TYR E 262 16.75 -24.23 -19.10
CA TYR E 262 18.13 -24.71 -19.16
C TYR E 262 18.34 -25.87 -18.19
N VAL E 263 17.86 -25.71 -16.96
CA VAL E 263 18.00 -26.74 -15.95
C VAL E 263 17.26 -28.00 -16.37
N LEU E 264 16.07 -27.85 -16.95
CA LEU E 264 15.30 -28.99 -17.43
C LEU E 264 16.00 -29.68 -18.60
N THR E 265 16.75 -28.93 -19.42
CA THR E 265 17.51 -29.53 -20.50
C THR E 265 18.73 -30.26 -19.98
N LEU E 266 19.26 -29.84 -18.83
CA LEU E 266 20.48 -30.41 -18.28
C LEU E 266 20.46 -31.94 -18.10
N PRO E 267 19.42 -32.57 -17.55
CA PRO E 267 19.53 -34.00 -17.24
C PRO E 267 19.84 -34.90 -18.43
N ALA E 268 19.36 -34.56 -19.63
CA ALA E 268 19.72 -35.33 -20.81
C ALA E 268 21.22 -35.29 -21.04
N LEU E 269 21.81 -34.10 -20.93
CA LEU E 269 23.26 -33.98 -21.05
C LEU E 269 23.98 -34.68 -19.90
N ILE E 270 23.38 -34.70 -18.71
CA ILE E 270 23.98 -35.41 -17.58
C ILE E 270 24.07 -36.89 -17.89
N PHE E 271 22.98 -37.47 -18.41
CA PHE E 271 22.99 -38.88 -18.79
C PHE E 271 23.98 -39.13 -19.91
N TYR E 272 24.05 -38.22 -20.89
CA TYR E 272 24.98 -38.39 -21.99
C TYR E 272 26.43 -38.36 -21.51
N TYR E 273 26.77 -37.45 -20.60
CA TYR E 273 28.14 -37.32 -20.15
C TYR E 273 28.54 -38.45 -19.20
N PHE E 274 27.65 -38.82 -18.29
CA PHE E 274 27.95 -39.88 -17.33
C PHE E 274 28.05 -41.25 -17.99
N ASN E 275 27.58 -41.39 -19.23
CA ASN E 275 27.66 -42.64 -19.97
C ASN E 275 28.89 -42.71 -20.86
N LYS E 276 29.98 -42.03 -20.48
CA LYS E 276 31.22 -41.99 -21.26
C LYS E 276 30.96 -41.44 -22.66
N THR E 277 30.55 -40.16 -22.69
CA THR E 277 30.21 -39.40 -23.89
C THR E 277 29.44 -40.22 -24.93
N ASP E 278 28.56 -41.10 -24.45
CA ASP E 278 27.69 -41.90 -25.30
C ASP E 278 26.26 -41.41 -25.16
N TRP E 279 25.55 -41.36 -26.29
CA TRP E 279 24.20 -40.81 -26.29
C TRP E 279 23.25 -41.71 -25.51
N ILE E 280 22.17 -41.10 -25.02
CA ILE E 280 21.19 -41.77 -24.17
C ILE E 280 19.98 -42.15 -24.99
N PHE E 281 20.20 -42.38 -26.29
CA PHE E 281 19.17 -42.79 -27.25
C PHE E 281 18.26 -41.61 -27.60
N GLY E 282 17.54 -41.71 -28.70
CA GLY E 282 16.69 -40.66 -29.21
C GLY E 282 17.17 -40.05 -30.51
N ASP E 283 18.47 -40.14 -30.81
CA ASP E 283 19.03 -39.68 -32.07
C ASP E 283 18.72 -38.21 -32.32
N ALA E 284 17.65 -37.95 -33.07
CA ALA E 284 17.28 -36.57 -33.41
C ALA E 284 16.97 -35.75 -32.16
N MET E 285 16.63 -36.39 -31.05
CA MET E 285 16.40 -35.65 -29.81
C MET E 285 17.65 -34.87 -29.40
N CYS E 286 18.84 -35.35 -29.77
CA CYS E 286 20.06 -34.59 -29.55
C CYS E 286 19.95 -33.21 -30.19
N LYS E 287 19.52 -33.17 -31.46
CA LYS E 287 19.30 -31.88 -32.12
C LYS E 287 18.35 -31.01 -31.32
N LEU E 288 17.37 -31.62 -30.66
CA LEU E 288 16.49 -30.86 -29.78
C LEU E 288 17.25 -30.35 -28.57
N GLN E 289 17.98 -31.24 -27.88
CA GLN E 289 18.59 -30.87 -26.61
C GLN E 289 19.58 -29.73 -26.79
N ARG E 290 20.57 -29.92 -27.67
CA ARG E 290 21.54 -28.87 -27.95
C ARG E 290 20.89 -27.60 -28.45
N PHE E 291 19.68 -27.71 -29.01
CA PHE E 291 18.91 -26.50 -29.30
C PHE E 291 18.41 -25.87 -28.01
N ILE E 292 17.55 -26.60 -27.27
CA ILE E 292 16.84 -26.00 -26.14
C ILE E 292 17.85 -25.43 -25.14
N PHE E 293 18.81 -26.26 -24.74
CA PHE E 293 19.94 -25.85 -23.91
C PHE E 293 20.45 -24.48 -24.36
N HIS E 294 20.91 -24.40 -25.60
CA HIS E 294 21.48 -23.16 -26.09
C HIS E 294 20.45 -22.03 -26.07
N VAL E 295 19.24 -22.30 -26.57
CA VAL E 295 18.26 -21.23 -26.64
C VAL E 295 17.80 -20.79 -25.27
N ASN E 296 18.15 -21.53 -24.22
CA ASN E 296 17.97 -21.01 -22.88
C ASN E 296 19.21 -20.29 -22.39
N LEU E 297 20.38 -20.87 -22.63
CA LEU E 297 21.63 -20.30 -22.13
C LEU E 297 21.76 -18.87 -22.62
N TYR E 298 21.89 -18.69 -23.93
CA TYR E 298 21.95 -17.35 -24.50
C TYR E 298 20.71 -16.55 -24.13
N GLY E 299 19.56 -17.22 -24.00
CA GLY E 299 18.37 -16.50 -23.56
C GLY E 299 18.60 -15.79 -22.25
N SER E 300 19.13 -16.51 -21.26
CA SER E 300 19.49 -15.85 -20.00
C SER E 300 20.51 -14.76 -20.26
N ILE E 301 21.54 -15.04 -21.06
CA ILE E 301 22.56 -14.05 -21.34
C ILE E 301 21.95 -12.82 -21.98
N LEU E 302 20.80 -12.98 -22.65
CA LEU E 302 20.13 -11.81 -23.20
C LEU E 302 19.25 -11.13 -22.15
N PHE E 303 18.55 -11.91 -21.33
CA PHE E 303 17.62 -11.31 -20.38
C PHE E 303 18.37 -10.66 -19.22
N LEU E 304 19.49 -11.25 -18.81
CA LEU E 304 20.38 -10.57 -17.88
C LEU E 304 20.81 -9.22 -18.43
N THR E 305 20.87 -9.10 -19.77
CA THR E 305 21.12 -7.81 -20.38
C THR E 305 19.93 -6.87 -20.18
N CYS E 306 18.72 -7.37 -20.48
CA CYS E 306 17.54 -6.52 -20.41
C CYS E 306 17.37 -5.94 -19.01
N ILE E 307 17.44 -6.80 -17.99
CA ILE E 307 17.41 -6.31 -16.62
C ILE E 307 18.51 -5.28 -16.39
N SER E 308 19.73 -5.60 -16.83
CA SER E 308 20.84 -4.66 -16.66
C SER E 308 20.57 -3.36 -17.40
N ALA E 309 19.83 -3.42 -18.50
CA ALA E 309 19.40 -2.19 -19.16
C ALA E 309 18.32 -1.49 -18.33
N HIS E 310 17.31 -2.25 -17.90
CA HIS E 310 16.18 -1.65 -17.21
C HIS E 310 16.63 -0.97 -15.93
N ARG E 311 17.47 -1.66 -15.14
CA ARG E 311 18.00 -1.06 -13.93
C ARG E 311 18.75 0.23 -14.25
N TYR E 312 19.50 0.25 -15.35
CA TYR E 312 20.20 1.48 -15.73
C TYR E 312 19.21 2.61 -15.96
N SER E 313 18.05 2.30 -16.52
CA SER E 313 17.01 3.32 -16.66
C SER E 313 16.46 3.73 -15.30
N GLY E 314 16.29 2.77 -14.40
CA GLY E 314 15.62 3.05 -13.14
C GLY E 314 16.49 3.62 -12.03
N VAL E 315 17.80 3.65 -12.22
CA VAL E 315 18.73 4.13 -11.21
C VAL E 315 19.43 5.40 -11.66
N VAL E 316 20.00 5.40 -12.87
CA VAL E 316 20.70 6.58 -13.35
C VAL E 316 19.72 7.71 -13.63
N TYR E 317 18.56 7.39 -14.21
CA TYR E 317 17.53 8.38 -14.53
C TYR E 317 16.21 7.94 -13.89
N PRO E 318 16.08 8.11 -12.57
CA PRO E 318 14.87 7.62 -11.89
C PRO E 318 13.62 8.41 -12.25
N LEU E 319 13.72 9.75 -12.24
CA LEU E 319 12.56 10.57 -12.56
C LEU E 319 12.22 10.51 -14.04
N LYS E 320 13.22 10.66 -14.90
CA LYS E 320 12.98 10.71 -16.34
C LYS E 320 12.40 9.39 -16.85
N SER E 321 12.95 8.28 -16.40
CA SER E 321 12.50 6.96 -16.85
C SER E 321 11.36 6.43 -15.97
N LEU E 322 10.32 7.25 -15.80
CA LEU E 322 9.13 6.85 -15.06
C LEU E 322 7.86 6.96 -15.89
N GLY E 323 7.72 8.02 -16.68
CA GLY E 323 6.60 8.12 -17.60
C GLY E 323 6.92 7.48 -18.94
N ARG E 324 8.20 7.43 -19.27
CA ARG E 324 8.67 6.80 -20.51
C ARG E 324 9.03 5.34 -20.29
N LEU E 325 8.09 4.58 -19.72
CA LEU E 325 8.34 3.19 -19.39
C LEU E 325 6.99 2.50 -19.13
N LYS E 326 6.79 1.36 -19.77
CA LYS E 326 5.54 0.62 -19.63
C LYS E 326 5.84 -0.88 -19.56
N LYS E 327 4.90 -1.62 -18.98
CA LYS E 327 5.02 -3.08 -18.93
C LYS E 327 4.83 -3.69 -20.32
N LYS E 328 3.99 -3.08 -21.15
CA LYS E 328 3.79 -3.58 -22.50
C LYS E 328 5.07 -3.46 -23.33
N ASN E 329 5.84 -2.39 -23.10
CA ASN E 329 7.15 -2.28 -23.75
C ASN E 329 8.07 -3.41 -23.33
N ALA E 330 8.05 -3.76 -22.04
CA ALA E 330 8.85 -4.88 -21.57
C ALA E 330 8.40 -6.20 -22.21
N ILE E 331 7.08 -6.39 -22.35
CA ILE E 331 6.59 -7.60 -22.98
C ILE E 331 7.03 -7.68 -24.44
N CYS E 332 6.93 -6.56 -25.15
CA CYS E 332 7.38 -6.52 -26.54
C CYS E 332 8.87 -6.81 -26.66
N ILE E 333 9.67 -6.22 -25.77
CA ILE E 333 11.12 -6.46 -25.81
C ILE E 333 11.43 -7.91 -25.47
N SER E 334 10.69 -8.49 -24.54
CA SER E 334 10.90 -9.89 -24.18
C SER E 334 10.55 -10.81 -25.36
N VAL E 335 9.46 -10.54 -26.05
CA VAL E 335 9.10 -11.33 -27.22
C VAL E 335 10.16 -11.18 -28.30
N LEU E 336 10.64 -9.95 -28.51
CA LEU E 336 11.68 -9.73 -29.51
C LEU E 336 12.96 -10.48 -29.15
N VAL E 337 13.32 -10.48 -27.87
CA VAL E 337 14.53 -11.17 -27.43
C VAL E 337 14.39 -12.67 -27.63
N TRP E 338 13.22 -13.23 -27.28
CA TRP E 338 13.01 -14.65 -27.49
C TRP E 338 13.05 -15.01 -28.97
N LEU E 339 12.45 -14.18 -29.81
CA LEU E 339 12.49 -14.43 -31.26
C LEU E 339 13.92 -14.35 -31.78
N ILE E 340 14.70 -13.37 -31.33
CA ILE E 340 16.09 -13.25 -31.76
C ILE E 340 16.89 -14.46 -31.33
N VAL E 341 16.65 -14.93 -30.10
CA VAL E 341 17.35 -16.12 -29.61
C VAL E 341 17.01 -17.33 -30.48
N VAL E 342 15.72 -17.55 -30.73
CA VAL E 342 15.31 -18.73 -31.50
C VAL E 342 15.85 -18.66 -32.92
N VAL E 343 15.85 -17.48 -33.52
CA VAL E 343 16.34 -17.33 -34.89
C VAL E 343 17.85 -17.55 -34.95
N ALA E 344 18.59 -16.91 -34.02
CA ALA E 344 20.04 -17.00 -34.05
C ALA E 344 20.54 -18.40 -33.70
N ILE E 345 19.86 -19.09 -32.79
CA ILE E 345 20.23 -20.46 -32.43
C ILE E 345 19.52 -21.49 -33.30
N SER E 346 18.75 -21.05 -34.30
CA SER E 346 18.16 -21.99 -35.25
C SER E 346 19.20 -22.85 -35.97
N PRO E 347 20.35 -22.34 -36.43
CA PRO E 347 21.33 -23.22 -37.08
C PRO E 347 21.85 -24.33 -36.19
N ILE E 348 21.69 -24.23 -34.87
CA ILE E 348 22.06 -25.32 -33.98
C ILE E 348 21.25 -26.57 -34.30
N LEU E 349 19.98 -26.38 -34.65
CA LEU E 349 19.11 -27.52 -34.98
C LEU E 349 19.66 -28.33 -36.15
N PHE E 350 20.44 -27.71 -37.03
CA PHE E 350 21.04 -28.41 -38.16
C PHE E 350 22.46 -28.87 -37.85
N TYR E 351 23.26 -28.01 -37.20
CA TYR E 351 24.66 -28.34 -36.92
C TYR E 351 24.77 -29.46 -35.89
N SER E 352 23.99 -29.37 -34.81
CA SER E 352 24.16 -30.24 -33.65
C SER E 352 23.61 -31.63 -33.93
N GLY E 353 24.25 -32.31 -34.88
CA GLY E 353 23.87 -33.65 -35.25
C GLY E 353 24.41 -34.69 -34.28
N THR E 354 24.34 -35.94 -34.71
CA THR E 354 24.83 -37.06 -33.92
C THR E 354 25.66 -37.98 -34.81
N GLY E 355 26.82 -38.40 -34.33
CA GLY E 355 27.72 -39.23 -35.10
C GLY E 355 28.18 -40.46 -34.32
N VAL E 356 28.96 -41.28 -35.01
CA VAL E 356 29.53 -42.49 -34.43
C VAL E 356 31.05 -42.35 -34.44
N ARG E 357 31.66 -42.47 -33.26
CA ARG E 357 33.09 -42.32 -33.14
C ARG E 357 33.81 -43.63 -33.49
N LYS E 358 35.13 -43.55 -33.58
CA LYS E 358 35.92 -44.74 -33.88
C LYS E 358 35.84 -45.77 -32.75
N ASN E 359 35.55 -45.32 -31.53
CA ASN E 359 35.42 -46.20 -30.37
C ASN E 359 34.02 -46.79 -30.23
N LYS E 360 33.25 -46.82 -31.32
CA LYS E 360 31.89 -47.35 -31.37
C LYS E 360 30.93 -46.61 -30.44
N THR E 361 31.24 -45.37 -30.09
CA THR E 361 30.37 -44.58 -29.23
C THR E 361 29.49 -43.66 -30.07
N ILE E 362 28.30 -43.37 -29.56
CA ILE E 362 27.35 -42.48 -30.21
C ILE E 362 27.49 -41.11 -29.56
N THR E 363 27.98 -40.13 -30.32
CA THR E 363 28.30 -38.81 -29.79
C THR E 363 27.30 -37.79 -30.31
N CYS E 364 26.66 -37.08 -29.39
CA CYS E 364 25.75 -35.99 -29.73
C CYS E 364 26.57 -34.70 -29.82
N TYR E 365 26.99 -34.35 -31.03
CA TYR E 365 27.90 -33.22 -31.23
C TYR E 365 27.19 -31.93 -30.84
N ASP E 366 27.58 -31.36 -29.71
CA ASP E 366 27.03 -30.06 -29.31
C ASP E 366 27.39 -28.98 -30.30
N THR E 367 28.64 -28.96 -30.76
CA THR E 367 29.06 -27.95 -31.73
C THR E 367 28.67 -28.35 -33.15
N THR E 368 29.26 -29.43 -33.65
CA THR E 368 29.00 -29.95 -34.99
C THR E 368 29.89 -31.17 -35.19
N SER E 369 29.70 -31.84 -36.34
CA SER E 369 30.62 -32.86 -36.77
C SER E 369 31.83 -32.22 -37.46
N ASP E 370 32.83 -33.05 -37.75
CA ASP E 370 34.05 -32.54 -38.39
C ASP E 370 33.80 -32.01 -39.79
N GLU E 371 32.69 -32.40 -40.43
CA GLU E 371 32.42 -31.97 -41.79
C GLU E 371 32.11 -30.47 -41.85
N TYR E 372 31.23 -29.99 -40.96
CA TYR E 372 30.81 -28.60 -40.94
C TYR E 372 31.54 -27.79 -39.87
N LEU E 373 32.81 -28.11 -39.61
CA LEU E 373 33.51 -27.48 -38.49
C LEU E 373 33.83 -26.02 -38.78
N ARG E 374 34.23 -25.69 -40.01
CA ARG E 374 34.58 -24.31 -40.34
C ARG E 374 33.35 -23.42 -40.38
N SER E 375 32.28 -23.89 -41.03
CA SER E 375 31.05 -23.13 -41.09
C SER E 375 30.47 -22.92 -39.69
N TYR E 376 30.51 -23.96 -38.85
CA TYR E 376 30.04 -23.79 -37.49
C TYR E 376 30.96 -22.88 -36.68
N PHE E 377 32.25 -22.87 -36.99
CA PHE E 377 33.14 -21.94 -36.30
C PHE E 377 32.77 -20.50 -36.63
N ILE E 378 32.49 -20.22 -37.91
CA ILE E 378 32.03 -18.88 -38.28
C ILE E 378 30.71 -18.56 -37.59
N TYR E 379 29.78 -19.53 -37.58
CA TYR E 379 28.48 -19.31 -36.95
C TYR E 379 28.61 -19.05 -35.47
N SER E 380 29.49 -19.79 -34.78
CA SER E 380 29.67 -19.62 -33.35
C SER E 380 30.38 -18.32 -33.03
N MET E 381 31.33 -17.90 -33.87
CA MET E 381 31.93 -16.58 -33.68
C MET E 381 30.88 -15.49 -33.82
N CYS E 382 30.00 -15.61 -34.82
CA CYS E 382 28.94 -14.62 -34.98
C CYS E 382 28.00 -14.62 -33.78
N THR E 383 27.64 -15.82 -33.31
CA THR E 383 26.73 -15.91 -32.16
C THR E 383 27.38 -15.36 -30.89
N THR E 384 28.67 -15.61 -30.68
CA THR E 384 29.36 -15.04 -29.54
C THR E 384 29.42 -13.52 -29.63
N VAL E 385 29.68 -12.98 -30.83
CA VAL E 385 29.76 -11.54 -30.99
C VAL E 385 28.41 -10.88 -30.76
N ALA E 386 27.34 -11.47 -31.31
CA ALA E 386 26.04 -10.82 -31.30
C ALA E 386 25.23 -11.09 -30.04
N MET E 387 25.20 -12.34 -29.58
CA MET E 387 24.36 -12.75 -28.47
C MET E 387 25.11 -12.88 -27.15
N PHE E 388 26.45 -12.81 -27.16
CA PHE E 388 27.21 -12.78 -25.91
C PHE E 388 28.07 -11.54 -25.76
N CYS E 389 28.88 -11.21 -26.77
CA CYS E 389 29.83 -10.12 -26.62
C CYS E 389 29.13 -8.77 -26.54
N VAL E 390 28.18 -8.53 -27.43
CA VAL E 390 27.37 -7.30 -27.35
C VAL E 390 26.56 -7.26 -26.05
N PRO E 391 25.84 -8.32 -25.66
CA PRO E 391 25.20 -8.29 -24.33
C PRO E 391 26.19 -8.12 -23.18
N LEU E 392 27.39 -8.71 -23.28
CA LEU E 392 28.37 -8.53 -22.21
C LEU E 392 28.78 -7.07 -22.10
N VAL E 393 29.03 -6.42 -23.24
CA VAL E 393 29.37 -4.99 -23.23
C VAL E 393 28.22 -4.18 -22.66
N LEU E 394 26.98 -4.52 -23.06
CA LEU E 394 25.82 -3.78 -22.58
C LEU E 394 25.68 -3.90 -21.07
N ILE E 395 25.75 -5.11 -20.53
CA ILE E 395 25.58 -5.28 -19.08
C ILE E 395 26.73 -4.65 -18.33
N LEU E 396 27.97 -4.77 -18.84
CA LEU E 396 29.10 -4.16 -18.16
C LEU E 396 28.96 -2.64 -18.11
N GLY E 397 28.62 -2.02 -19.25
CA GLY E 397 28.46 -0.58 -19.26
C GLY E 397 27.30 -0.12 -18.40
N CYS E 398 26.16 -0.80 -18.47
CA CYS E 398 25.00 -0.41 -17.70
C CYS E 398 25.26 -0.52 -16.20
N TYR E 399 25.88 -1.61 -15.78
CA TYR E 399 26.13 -1.72 -14.37
C TYR E 399 27.21 -0.73 -13.94
N GLY E 400 28.24 -0.55 -14.75
CA GLY E 400 29.22 0.46 -14.40
C GLY E 400 28.59 1.83 -14.18
N LEU E 401 27.65 2.20 -15.06
CA LEU E 401 26.93 3.46 -14.88
C LEU E 401 26.07 3.41 -13.61
N ILE E 402 25.48 2.26 -13.32
CA ILE E 402 24.67 2.13 -12.10
C ILE E 402 25.54 2.31 -10.87
N VAL E 403 26.73 1.70 -10.85
CA VAL E 403 27.65 1.86 -9.73
C VAL E 403 28.09 3.31 -9.62
N ARG E 404 28.36 3.95 -10.76
CA ARG E 404 28.76 5.36 -10.74
C ARG E 404 27.66 6.23 -10.15
N ALA E 405 26.40 5.95 -10.50
CA ALA E 405 25.29 6.73 -9.96
C ALA E 405 25.06 6.44 -8.49
N LEU E 406 25.28 5.20 -8.05
CA LEU E 406 25.06 4.84 -6.66
C LEU E 406 26.17 5.34 -5.74
N ILE E 407 27.38 5.52 -6.27
CA ILE E 407 28.52 5.91 -5.44
C ILE E 407 28.72 7.42 -5.48
N TYR E 408 28.97 7.96 -6.68
CA TYR E 408 29.33 9.37 -6.79
C TYR E 408 28.18 10.28 -6.38
N LYS E 409 26.95 9.97 -6.80
CA LYS E 409 25.81 10.78 -6.37
C LYS E 409 25.52 10.58 -4.89
N ASP E 410 25.82 9.39 -4.35
CA ASP E 410 25.68 9.04 -2.94
C ASP E 410 24.23 9.14 -2.46
N LEU E 411 23.27 9.27 -3.38
CA LEU E 411 21.85 9.38 -3.04
C LEU E 411 21.57 10.56 -2.11
N ASP E 412 22.43 11.58 -2.17
CA ASP E 412 22.29 12.80 -1.38
C ASP E 412 22.34 12.50 0.12
N ASN E 413 21.33 11.81 0.63
CA ASN E 413 21.27 11.49 2.07
C ASN E 413 20.86 10.06 2.38
N SER E 414 20.34 9.29 1.43
CA SER E 414 19.81 7.97 1.75
C SER E 414 20.95 6.98 1.95
N PRO E 415 21.04 6.31 3.10
CA PRO E 415 22.10 5.33 3.31
C PRO E 415 21.73 3.96 2.77
N LEU E 416 22.56 2.95 3.08
CA LEU E 416 22.33 1.55 2.77
C LEU E 416 22.46 1.25 1.29
N ARG E 417 23.14 2.10 0.53
CA ARG E 417 23.46 1.80 -0.86
C ARG E 417 24.64 0.85 -1.00
N ARG E 418 25.37 0.60 0.09
CA ARG E 418 26.53 -0.28 0.02
C ARG E 418 26.13 -1.69 -0.38
N LYS E 419 25.02 -2.19 0.16
CA LYS E 419 24.57 -3.53 -0.22
C LYS E 419 24.12 -3.59 -1.67
N SER E 420 23.50 -2.53 -2.18
CA SER E 420 23.15 -2.48 -3.59
C SER E 420 24.39 -2.51 -4.46
N ILE E 421 25.42 -1.74 -4.09
CA ILE E 421 26.66 -1.74 -4.84
C ILE E 421 27.31 -3.11 -4.81
N TYR E 422 27.28 -3.77 -3.64
CA TYR E 422 27.85 -5.11 -3.54
C TYR E 422 27.09 -6.10 -4.41
N LEU E 423 25.76 -6.01 -4.43
CA LEU E 423 24.98 -6.91 -5.27
C LEU E 423 25.30 -6.68 -6.75
N VAL E 424 25.39 -5.43 -7.18
CA VAL E 424 25.73 -5.14 -8.57
C VAL E 424 27.09 -5.69 -8.91
N ILE E 425 28.08 -5.47 -8.03
CA ILE E 425 29.44 -5.90 -8.30
C ILE E 425 29.52 -7.42 -8.38
N ILE E 426 28.86 -8.12 -7.45
CA ILE E 426 28.94 -9.58 -7.48
C ILE E 426 28.17 -10.14 -8.67
N VAL E 427 27.08 -9.49 -9.09
CA VAL E 427 26.39 -9.92 -10.31
C VAL E 427 27.30 -9.78 -11.51
N LEU E 428 27.99 -8.64 -11.61
CA LEU E 428 28.91 -8.42 -12.71
C LEU E 428 30.02 -9.47 -12.71
N THR E 429 30.61 -9.72 -11.54
CA THR E 429 31.72 -10.67 -11.48
C THR E 429 31.26 -12.09 -11.78
N VAL E 430 30.07 -12.47 -11.31
CA VAL E 430 29.56 -13.81 -11.61
C VAL E 430 29.33 -13.97 -13.10
N PHE E 431 28.65 -13.00 -13.71
CA PHE E 431 28.42 -13.05 -15.16
C PHE E 431 29.74 -13.17 -15.91
N ALA E 432 30.71 -12.32 -15.56
CA ALA E 432 32.00 -12.35 -16.24
C ALA E 432 32.68 -13.71 -16.06
N VAL E 433 33.00 -14.07 -14.82
CA VAL E 433 33.77 -15.27 -14.53
C VAL E 433 33.05 -16.55 -14.93
N SER E 434 31.80 -16.46 -15.31
CA SER E 434 31.11 -17.67 -15.71
C SER E 434 30.90 -17.76 -17.18
N TYR E 435 30.76 -16.62 -17.82
CA TYR E 435 30.44 -16.64 -19.24
C TYR E 435 31.60 -16.25 -20.14
N ILE E 436 32.45 -15.31 -19.74
CA ILE E 436 33.60 -14.94 -20.57
C ILE E 436 34.54 -16.11 -20.80
N PRO E 437 35.02 -16.83 -19.78
CA PRO E 437 35.87 -18.00 -20.06
C PRO E 437 35.16 -19.07 -20.87
N PHE E 438 33.86 -19.28 -20.66
CA PHE E 438 33.15 -20.30 -21.41
C PHE E 438 33.12 -19.98 -22.89
N HIS E 439 32.80 -18.73 -23.24
CA HIS E 439 32.72 -18.36 -24.64
C HIS E 439 34.09 -18.22 -25.27
N VAL E 440 35.11 -17.88 -24.48
CA VAL E 440 36.48 -17.89 -25.01
C VAL E 440 36.91 -19.32 -25.32
N MET E 441 36.64 -20.25 -24.40
CA MET E 441 37.08 -21.62 -24.57
C MET E 441 36.26 -22.34 -25.64
N LYS E 442 35.02 -21.91 -25.88
CA LYS E 442 34.25 -22.50 -26.98
C LYS E 442 34.93 -22.25 -28.32
N THR E 443 35.26 -20.98 -28.58
CA THR E 443 35.96 -20.65 -29.82
C THR E 443 37.35 -21.28 -29.84
N MET E 444 38.01 -21.34 -28.68
CA MET E 444 39.34 -21.95 -28.63
C MET E 444 39.27 -23.43 -28.99
N ASN E 445 38.27 -24.15 -28.47
CA ASN E 445 38.12 -25.56 -28.78
C ASN E 445 37.73 -25.76 -30.25
N LEU E 446 36.88 -24.89 -30.79
CA LEU E 446 36.54 -24.99 -32.21
C LEU E 446 37.77 -24.79 -33.08
N ARG E 447 38.60 -23.80 -32.76
CA ARG E 447 39.83 -23.58 -33.52
C ARG E 447 40.80 -24.73 -33.35
N ALA E 448 40.87 -25.30 -32.15
CA ALA E 448 41.78 -26.43 -31.91
C ALA E 448 41.33 -27.67 -32.65
N ARG E 449 40.02 -27.87 -32.80
CA ARG E 449 39.54 -28.97 -33.63
C ARG E 449 39.75 -28.69 -35.11
N LEU E 450 39.63 -27.43 -35.53
CA LEU E 450 39.96 -27.08 -36.91
C LEU E 450 41.44 -27.24 -37.18
N ASP E 451 42.28 -26.66 -36.33
CA ASP E 451 43.72 -26.72 -36.48
C ASP E 451 44.27 -27.92 -35.70
N PHE E 452 45.59 -27.95 -35.50
CA PHE E 452 46.24 -28.96 -34.69
C PHE E 452 45.92 -30.37 -35.16
N GLN E 453 45.29 -31.16 -34.28
CA GLN E 453 44.92 -32.55 -34.58
C GLN E 453 46.13 -33.36 -35.03
N THR E 454 47.28 -33.08 -34.42
CA THR E 454 48.52 -33.79 -34.68
C THR E 454 49.26 -33.99 -33.36
N PRO E 455 50.07 -35.04 -33.26
CA PRO E 455 50.82 -35.26 -32.00
C PRO E 455 51.77 -34.12 -31.65
N ALA E 456 52.21 -33.34 -32.64
CA ALA E 456 53.12 -32.23 -32.35
C ALA E 456 52.45 -31.18 -31.46
N MET E 457 51.19 -30.86 -31.75
CA MET E 457 50.44 -29.86 -31.00
C MET E 457 49.21 -30.44 -30.31
N CYS E 458 49.24 -31.75 -30.04
CA CYS E 458 48.11 -32.39 -29.39
C CYS E 458 47.91 -31.90 -27.95
N ALA E 459 49.00 -31.84 -27.17
CA ALA E 459 48.87 -31.56 -25.74
C ALA E 459 48.17 -30.23 -25.50
N PHE E 460 48.60 -29.17 -26.19
CA PHE E 460 47.94 -27.88 -26.06
C PHE E 460 46.45 -28.01 -26.36
N ASN E 461 46.10 -28.70 -27.45
CA ASN E 461 44.69 -28.96 -27.72
C ASN E 461 44.03 -29.65 -26.54
N ASP E 462 44.65 -30.71 -26.02
CA ASP E 462 44.13 -31.36 -24.82
C ASP E 462 43.89 -30.34 -23.72
N ARG E 463 44.85 -29.43 -23.51
CA ARG E 463 44.66 -28.38 -22.52
C ARG E 463 43.41 -27.57 -22.82
N VAL E 464 43.30 -27.06 -24.05
CA VAL E 464 42.15 -26.23 -24.38
C VAL E 464 40.90 -27.08 -24.43
N TYR E 465 41.05 -28.40 -24.44
CA TYR E 465 39.92 -29.27 -24.21
C TYR E 465 39.52 -29.25 -22.74
N ALA E 466 40.45 -29.59 -21.85
CA ALA E 466 40.12 -29.76 -20.44
C ALA E 466 39.54 -28.49 -19.85
N THR E 467 40.27 -27.38 -20.00
CA THR E 467 39.76 -26.09 -19.54
C THR E 467 38.37 -25.81 -20.08
N TYR E 468 38.15 -26.10 -21.37
CA TYR E 468 36.83 -25.88 -21.95
C TYR E 468 35.76 -26.58 -21.12
N GLN E 469 35.96 -27.87 -20.84
CA GLN E 469 35.00 -28.60 -20.01
C GLN E 469 34.75 -27.87 -18.72
N VAL E 470 35.82 -27.46 -18.03
CA VAL E 470 35.67 -26.73 -16.77
C VAL E 470 34.83 -25.48 -17.00
N THR E 471 35.18 -24.70 -18.03
CA THR E 471 34.44 -23.48 -18.30
C THR E 471 32.98 -23.77 -18.56
N ARG E 472 32.68 -24.89 -19.22
CA ARG E 472 31.29 -25.24 -19.47
C ARG E 472 30.53 -25.37 -18.17
N GLY E 473 31.14 -26.04 -17.18
CA GLY E 473 30.50 -26.12 -15.88
C GLY E 473 30.20 -24.75 -15.31
N LEU E 474 31.17 -23.83 -15.45
CA LEU E 474 30.96 -22.48 -14.96
C LEU E 474 29.70 -21.87 -15.58
N ALA E 475 29.49 -22.09 -16.88
CA ALA E 475 28.30 -21.55 -17.52
C ALA E 475 27.04 -22.07 -16.84
N SER E 476 26.99 -23.38 -16.56
CA SER E 476 25.85 -23.94 -15.88
C SER E 476 25.63 -23.26 -14.53
N LEU E 477 26.72 -22.91 -13.84
CA LEU E 477 26.61 -22.29 -12.53
C LEU E 477 25.79 -21.00 -12.58
N ASN E 478 25.74 -20.33 -13.71
CA ASN E 478 24.90 -19.15 -13.77
C ASN E 478 23.46 -19.49 -13.44
N SER E 479 22.93 -20.54 -14.07
CA SER E 479 21.53 -20.87 -13.80
C SER E 479 21.26 -21.17 -12.34
N CYS E 480 22.28 -21.12 -11.48
CA CYS E 480 22.10 -21.19 -10.04
C CYS E 480 22.40 -19.88 -9.34
N VAL E 481 23.38 -19.11 -9.84
CA VAL E 481 23.79 -17.91 -9.13
C VAL E 481 22.89 -16.74 -9.50
N ASP E 482 22.53 -16.63 -10.78
CA ASP E 482 21.63 -15.56 -11.20
C ASP E 482 20.28 -15.60 -10.48
N PRO E 483 19.60 -16.75 -10.35
CA PRO E 483 18.38 -16.75 -9.52
C PRO E 483 18.64 -16.38 -8.07
N ILE E 484 19.79 -16.74 -7.52
CA ILE E 484 20.10 -16.38 -6.13
C ILE E 484 20.33 -14.87 -6.02
N LEU E 485 21.13 -14.30 -6.91
CA LEU E 485 21.47 -12.89 -6.81
C LEU E 485 20.30 -12.00 -7.24
N TYR E 486 19.62 -12.36 -8.33
CA TYR E 486 18.58 -11.49 -8.86
C TYR E 486 17.29 -11.58 -8.04
N PHE E 487 16.98 -12.74 -7.49
CA PHE E 487 15.73 -12.93 -6.73
C PHE E 487 15.98 -13.12 -5.24
N LEU E 488 16.78 -14.12 -4.86
CA LEU E 488 16.92 -14.46 -3.44
C LEU E 488 17.76 -13.45 -2.67
N ALA E 489 18.50 -12.59 -3.35
CA ALA E 489 19.32 -11.58 -2.69
C ALA E 489 18.62 -10.24 -2.58
N GLY E 490 17.38 -10.13 -3.02
CA GLY E 490 16.62 -8.90 -2.92
C GLY E 490 15.65 -8.95 -1.76
N ASP E 491 15.61 -7.85 -1.01
CA ASP E 491 14.76 -7.79 0.18
C ASP E 491 13.28 -7.83 -0.20
N THR E 492 12.90 -7.18 -1.31
CA THR E 492 11.51 -7.18 -1.73
C THR E 492 11.03 -8.59 -2.06
N PHE E 493 11.85 -9.36 -2.78
CA PHE E 493 11.47 -10.72 -3.14
C PHE E 493 11.33 -11.60 -1.90
N ARG E 494 12.26 -11.46 -0.96
CA ARG E 494 12.19 -12.26 0.27
C ARG E 494 10.97 -11.89 1.09
N ARG E 495 10.64 -10.60 1.17
CA ARG E 495 9.42 -10.19 1.86
C ARG E 495 8.18 -10.74 1.17
N ARG E 496 8.15 -10.68 -0.17
CA ARG E 496 7.05 -11.25 -0.93
C ARG E 496 7.06 -12.76 -0.96
N LEU E 497 8.14 -13.38 -0.49
CA LEU E 497 8.24 -14.84 -0.40
C LEU E 497 7.42 -15.32 0.81
N SER E 498 6.09 -15.22 0.66
CA SER E 498 5.14 -15.57 1.70
C SER E 498 5.41 -14.80 2.99
PB ADP F . 30.19 -32.24 -26.38
O1B ADP F . 31.57 -32.55 -25.87
O2B ADP F . 29.56 -33.33 -27.21
O3B ADP F . 29.27 -31.67 -25.34
PA ADP F . 31.44 -31.01 -28.65
O1A ADP F . 32.44 -29.92 -28.42
O2A ADP F . 30.65 -31.04 -29.93
O3A ADP F . 30.42 -31.00 -27.39
O5' ADP F . 32.22 -32.42 -28.55
C5' ADP F . 31.79 -33.54 -29.32
C4' ADP F . 32.76 -34.68 -29.05
O4' ADP F . 34.06 -34.31 -29.54
C3' ADP F . 32.89 -34.96 -27.57
O3' ADP F . 32.55 -36.31 -27.28
C2' ADP F . 34.35 -34.72 -27.22
O2' ADP F . 34.87 -35.83 -26.50
C1' ADP F . 35.06 -34.54 -28.56
N9 ADP F . 35.99 -33.39 -28.52
C8 ADP F . 35.69 -32.15 -28.09
N7 ADP F . 36.77 -31.32 -28.17
C5 ADP F . 37.79 -32.06 -28.66
C6 ADP F . 39.22 -31.82 -29.00
N6 ADP F . 39.78 -30.61 -28.84
N1 ADP F . 39.93 -32.86 -29.50
C2 ADP F . 39.38 -34.07 -29.67
N3 ADP F . 38.10 -34.36 -29.38
C4 ADP F . 37.26 -33.42 -28.88
C1 CLR G . 8.72 -16.92 -28.43
C2 CLR G . 8.77 -17.83 -29.66
C3 CLR G . 9.41 -19.18 -29.30
C4 CLR G . 8.55 -19.86 -28.24
C5 CLR G . 8.37 -18.93 -27.06
C6 CLR G . 8.64 -19.40 -25.83
C7 CLR G . 8.50 -18.57 -24.58
C8 CLR G . 7.55 -17.41 -24.82
C9 CLR G . 7.97 -16.65 -26.08
C10 CLR G . 7.88 -17.52 -27.32
C11 CLR G . 7.17 -15.36 -26.26
C12 CLR G . 7.14 -14.48 -25.00
C13 CLR G . 6.61 -15.29 -23.83
C14 CLR G . 7.56 -16.45 -23.63
C15 CLR G . 7.19 -17.02 -22.28
C16 CLR G . 6.79 -15.78 -21.47
C17 CLR G . 6.60 -14.63 -22.46
C18 CLR G . 5.21 -15.82 -24.13
C19 CLR G . 6.42 -17.62 -27.78
C20 CLR G . 5.36 -13.81 -22.16
C21 CLR G . 5.40 -12.43 -22.80
C22 CLR G . 5.15 -13.67 -20.65
C23 CLR G . 3.91 -12.83 -20.34
C24 CLR G . 3.62 -12.79 -18.85
C25 CLR G . 2.25 -12.20 -18.56
C26 CLR G . 1.87 -12.38 -17.10
C27 CLR G . 2.19 -10.73 -18.96
O1 CLR G . 9.47 -20.00 -30.46
#